data_2C3N
#
_entry.id   2C3N
#
_cell.length_a   164.577
_cell.length_b   110.986
_cell.length_c   56.295
_cell.angle_alpha   90.00
_cell.angle_beta   90.00
_cell.angle_gamma   90.00
#
_symmetry.space_group_name_H-M   'P 21 21 2'
#
loop_
_entity.id
_entity.type
_entity.pdbx_description
1 polymer 'GLUTATHIONE S-TRANSFERASE THETA 1'
2 non-polymer 'IODIDE ION'
3 water water
#
_entity_poly.entity_id   1
_entity_poly.type   'polypeptide(L)'
_entity_poly.pdbx_seq_one_letter_code
;MHHHHHHMGLELYLDLLSQPCRAVYIFAKKNDIPFELRIVDLIKGQHLSDAFAQVNPLKKVPALKDGDFTLTESVAILLY
LTRKYKVPDYWYPQDLQARARVDEYLAWQHTTLRRSCLRALWHKVMFPVFLGEPVSPQTLAATLAELDVTLQLLEDKFLQ
NKAFLTGPHISLADLVAITELMHPVGAGCQVFEGRPKLATWRQRVEAAVGEDLFQEAHEVILKAKDFPPADPTIKQKLMP
WVLAMIR
;
_entity_poly.pdbx_strand_id   A,B,C,D
#
loop_
_chem_comp.id
_chem_comp.type
_chem_comp.name
_chem_comp.formula
IOD non-polymer 'IODIDE ION' 'I -1'
#
# COMPACT_ATOMS: atom_id res chain seq x y z
N GLY A 9 -13.82 11.42 5.84
CA GLY A 9 -14.51 11.49 7.16
C GLY A 9 -13.77 10.71 8.23
N LEU A 10 -14.50 9.79 8.86
CA LEU A 10 -13.94 8.92 9.88
C LEU A 10 -13.37 7.67 9.22
N GLU A 11 -12.10 7.38 9.54
CA GLU A 11 -11.42 6.16 9.12
C GLU A 11 -11.04 5.37 10.37
N LEU A 12 -11.27 4.07 10.32
CA LEU A 12 -10.86 3.16 11.39
C LEU A 12 -9.90 2.14 10.81
N TYR A 13 -8.69 2.10 11.36
CA TYR A 13 -7.63 1.20 10.94
C TYR A 13 -7.64 0.00 11.87
N LEU A 14 -8.06 -1.14 11.34
CA LEU A 14 -8.36 -2.31 12.16
C LEU A 14 -7.89 -3.61 11.54
N ASP A 15 -7.68 -4.60 12.40
CA ASP A 15 -7.53 -5.99 11.98
C ASP A 15 -8.36 -6.79 12.97
N LEU A 16 -9.32 -7.55 12.47
CA LEU A 16 -10.19 -8.34 13.34
C LEU A 16 -9.46 -9.46 14.08
N LEU A 17 -8.20 -9.75 13.74
CA LEU A 17 -7.39 -10.66 14.56
C LEU A 17 -7.22 -10.07 15.97
N SER A 18 -7.15 -8.74 16.01
CA SER A 18 -6.82 -7.98 17.22
C SER A 18 -8.03 -7.82 18.13
N GLN A 19 -7.83 -8.13 19.40
CA GLN A 19 -8.88 -7.93 20.40
C GLN A 19 -9.45 -6.48 20.48
N PRO A 20 -8.59 -5.45 20.69
CA PRO A 20 -9.14 -4.07 20.77
C PRO A 20 -9.84 -3.69 19.48
N CYS A 21 -9.32 -4.18 18.33
CA CYS A 21 -9.99 -3.88 17.07
C CYS A 21 -11.41 -4.43 16.97
N ARG A 22 -11.61 -5.67 17.44
CA ARG A 22 -12.96 -6.25 17.45
C ARG A 22 -13.91 -5.42 18.31
N ALA A 23 -13.43 -4.92 19.46
CA ALA A 23 -14.30 -4.09 20.30
C ALA A 23 -14.73 -2.83 19.56
N VAL A 24 -13.76 -2.16 18.93
CA VAL A 24 -14.04 -0.93 18.18
C VAL A 24 -15.00 -1.23 17.00
N TYR A 25 -14.71 -2.31 16.26
CA TYR A 25 -15.51 -2.67 15.09
C TYR A 25 -16.96 -2.95 15.50
N ILE A 26 -17.15 -3.78 16.52
CA ILE A 26 -18.49 -4.09 16.95
C ILE A 26 -19.26 -2.83 17.37
N PHE A 27 -18.60 -2.03 18.19
CA PHE A 27 -19.24 -0.83 18.67
C PHE A 27 -19.68 0.11 17.55
N ALA A 28 -18.80 0.35 16.56
CA ALA A 28 -19.10 1.24 15.40
C ALA A 28 -20.25 0.66 14.57
N LYS A 29 -20.19 -0.64 14.32
CA LYS A 29 -21.21 -1.28 13.48
C LYS A 29 -22.57 -1.31 14.17
N LYS A 30 -22.59 -1.66 15.46
CA LYS A 30 -23.85 -1.77 16.22
C LYS A 30 -24.55 -0.39 16.29
N ASN A 31 -23.75 0.65 16.44
CA ASN A 31 -24.28 2.01 16.55
C ASN A 31 -24.48 2.75 15.23
N ASP A 32 -24.31 2.04 14.12
CA ASP A 32 -24.50 2.65 12.79
C ASP A 32 -23.64 3.91 12.60
N ILE A 33 -22.41 3.85 13.11
CA ILE A 33 -21.50 4.96 12.91
C ILE A 33 -20.83 4.83 11.55
N PRO A 34 -20.98 5.86 10.67
CA PRO A 34 -20.33 5.72 9.36
C PRO A 34 -18.82 5.83 9.48
N PHE A 35 -18.11 4.94 8.81
CA PHE A 35 -16.67 5.01 8.77
C PHE A 35 -16.13 4.26 7.57
N GLU A 36 -14.93 4.66 7.12
CA GLU A 36 -14.21 3.88 6.13
C GLU A 36 -13.36 2.87 6.88
N LEU A 37 -13.56 1.60 6.55
CA LEU A 37 -12.75 0.54 7.11
C LEU A 37 -11.44 0.49 6.37
N ARG A 38 -10.34 0.55 7.11
CA ARG A 38 -9.02 0.33 6.52
C ARG A 38 -8.42 -0.90 7.19
N ILE A 39 -8.38 -2.01 6.46
CA ILE A 39 -7.81 -3.23 7.02
C ILE A 39 -6.29 -3.14 7.06
N VAL A 40 -5.73 -3.45 8.22
CA VAL A 40 -4.28 -3.47 8.43
C VAL A 40 -3.91 -4.91 8.74
N ASP A 41 -3.39 -5.62 7.74
CA ASP A 41 -3.09 -7.04 7.89
C ASP A 41 -1.89 -7.30 8.78
N LEU A 42 -2.17 -7.63 10.05
CA LEU A 42 -1.13 -7.86 11.05
C LEU A 42 -0.20 -9.02 10.71
N ILE A 43 -0.79 -10.11 10.18
CA ILE A 43 -0.07 -11.34 9.82
C ILE A 43 0.94 -11.10 8.70
N LYS A 44 0.66 -10.10 7.87
CA LYS A 44 1.55 -9.68 6.79
C LYS A 44 2.45 -8.51 7.16
N GLY A 45 2.38 -8.08 8.42
CA GLY A 45 3.24 -7.03 8.95
C GLY A 45 2.92 -5.63 8.46
N GLN A 46 1.69 -5.41 8.01
CA GLN A 46 1.28 -4.12 7.41
C GLN A 46 1.31 -2.95 8.41
N HIS A 47 1.19 -3.25 9.70
CA HIS A 47 1.26 -2.25 10.77
C HIS A 47 2.69 -1.79 11.02
N LEU A 48 3.65 -2.56 10.53
CA LEU A 48 5.06 -2.23 10.69
C LEU A 48 5.62 -1.51 9.47
N SER A 49 4.76 -1.28 8.47
CA SER A 49 5.14 -0.64 7.20
C SER A 49 5.27 0.88 7.35
N ASP A 50 6.04 1.50 6.44
CA ASP A 50 6.21 2.95 6.45
C ASP A 50 4.90 3.71 6.22
N ALA A 51 4.05 3.17 5.34
CA ALA A 51 2.73 3.74 5.06
C ALA A 51 1.88 3.84 6.33
N PHE A 52 1.80 2.74 7.08
CA PHE A 52 1.04 2.77 8.33
C PHE A 52 1.71 3.62 9.42
N ALA A 53 3.04 3.64 9.44
CA ALA A 53 3.78 4.46 10.40
C ALA A 53 3.43 5.94 10.27
N GLN A 54 2.99 6.35 9.07
CA GLN A 54 2.49 7.71 8.84
C GLN A 54 1.14 7.97 9.49
N VAL A 55 0.33 6.91 9.57
CA VAL A 55 -1.00 6.97 10.17
C VAL A 55 -0.83 6.95 11.69
N ASN A 56 -0.08 5.97 12.16
CA ASN A 56 0.19 5.80 13.57
C ASN A 56 1.66 5.44 13.80
N PRO A 57 2.49 6.41 14.22
CA PRO A 57 3.91 6.17 14.50
C PRO A 57 4.17 5.05 15.52
N LEU A 58 3.16 4.74 16.35
CA LEU A 58 3.29 3.68 17.34
C LEU A 58 3.19 2.28 16.72
N LYS A 59 2.75 2.21 15.46
CA LYS A 59 2.70 0.96 14.68
C LYS A 59 1.79 -0.10 15.31
N LYS A 60 0.66 0.34 15.82
CA LYS A 60 -0.33 -0.56 16.40
C LYS A 60 -1.73 -0.23 15.90
N VAL A 61 -2.60 -1.23 15.92
CA VAL A 61 -4.02 -1.04 15.69
C VAL A 61 -4.75 -1.33 17.01
N PRO A 62 -5.93 -0.72 17.21
CA PRO A 62 -6.65 0.16 16.30
C PRO A 62 -6.14 1.58 16.28
N ALA A 63 -6.40 2.24 15.16
CA ALA A 63 -6.14 3.66 15.06
C ALA A 63 -7.34 4.31 14.40
N LEU A 64 -7.67 5.51 14.85
CA LEU A 64 -8.78 6.28 14.31
C LEU A 64 -8.22 7.55 13.66
N LYS A 65 -8.75 7.91 12.50
CA LYS A 65 -8.45 9.21 11.90
C LYS A 65 -9.77 9.90 11.61
N ASP A 66 -9.93 11.13 12.09
CA ASP A 66 -11.17 11.92 11.91
C ASP A 66 -10.70 13.28 11.38
N GLY A 67 -10.45 13.34 10.07
CA GLY A 67 -9.79 14.50 9.48
C GLY A 67 -8.32 14.58 9.87
N ASP A 68 -7.93 15.71 10.47
CA ASP A 68 -6.56 15.90 10.95
C ASP A 68 -6.35 15.30 12.35
N PHE A 69 -7.40 14.72 12.92
CA PHE A 69 -7.32 14.17 14.28
C PHE A 69 -7.03 12.67 14.22
N THR A 70 -6.02 12.25 14.96
CA THR A 70 -5.64 10.84 15.03
C THR A 70 -5.68 10.38 16.49
N LEU A 71 -6.21 9.20 16.70
CA LEU A 71 -6.36 8.70 18.05
C LEU A 71 -6.03 7.22 18.10
N THR A 72 -5.33 6.83 19.17
CA THR A 72 -4.99 5.44 19.44
C THR A 72 -5.62 5.03 20.78
N GLU A 73 -5.54 3.72 21.09
CA GLU A 73 -6.05 3.10 22.33
C GLU A 73 -7.53 2.84 22.23
N SER A 74 -7.92 1.55 22.25
CA SER A 74 -9.31 1.19 22.11
C SER A 74 -10.22 1.90 23.12
N VAL A 75 -9.78 2.00 24.39
CA VAL A 75 -10.60 2.68 25.39
C VAL A 75 -10.88 4.15 24.98
N ALA A 76 -9.83 4.86 24.56
CA ALA A 76 -10.01 6.23 24.09
C ALA A 76 -10.88 6.34 22.85
N ILE A 77 -10.66 5.44 21.90
CA ILE A 77 -11.47 5.41 20.68
C ILE A 77 -12.96 5.13 21.01
N LEU A 78 -13.21 4.15 21.86
CA LEU A 78 -14.59 3.86 22.24
C LEU A 78 -15.27 5.02 22.91
N LEU A 79 -14.55 5.74 23.78
CA LEU A 79 -15.19 6.83 24.50
C LEU A 79 -15.39 8.00 23.57
N TYR A 80 -14.44 8.22 22.66
CA TYR A 80 -14.58 9.29 21.67
C TYR A 80 -15.79 9.06 20.79
N LEU A 81 -15.94 7.81 20.31
CA LEU A 81 -17.08 7.50 19.44
C LEU A 81 -18.41 7.59 20.19
N THR A 82 -18.40 7.14 21.45
CA THR A 82 -19.57 7.28 22.31
C THR A 82 -20.06 8.73 22.41
N ARG A 83 -19.11 9.65 22.61
CA ARG A 83 -19.42 11.06 22.83
C ARG A 83 -19.76 11.74 21.52
N LYS A 84 -18.91 11.56 20.51
CA LYS A 84 -19.12 12.27 19.26
C LYS A 84 -20.42 11.89 18.55
N TYR A 85 -20.75 10.59 18.57
CA TYR A 85 -21.93 10.09 17.83
C TYR A 85 -23.20 9.96 18.67
N LYS A 86 -23.12 10.42 19.93
CA LYS A 86 -24.27 10.45 20.84
C LYS A 86 -25.00 9.12 20.86
N VAL A 87 -24.22 8.07 21.12
CA VAL A 87 -24.76 6.71 21.13
C VAL A 87 -25.63 6.59 22.38
N PRO A 88 -26.44 5.52 22.48
CA PRO A 88 -27.31 5.33 23.66
C PRO A 88 -26.54 5.39 24.98
N ASP A 89 -27.18 5.99 25.98
CA ASP A 89 -26.59 6.18 27.29
C ASP A 89 -26.20 4.89 27.96
N TYR A 90 -26.85 3.78 27.59
CA TYR A 90 -26.55 2.52 28.27
C TYR A 90 -25.08 2.11 28.09
N TRP A 91 -24.44 2.58 27.02
CA TRP A 91 -23.05 2.18 26.82
C TRP A 91 -22.13 2.77 27.89
N TYR A 92 -22.49 3.97 28.36
CA TYR A 92 -21.65 4.70 29.29
C TYR A 92 -22.60 5.61 30.07
N PRO A 93 -23.30 5.04 31.06
CA PRO A 93 -24.43 5.77 31.65
C PRO A 93 -24.06 7.07 32.34
N GLN A 94 -25.06 7.93 32.47
CA GLN A 94 -24.86 9.24 33.09
C GLN A 94 -24.65 9.16 34.61
N ASP A 95 -25.27 8.19 35.28
CA ASP A 95 -25.12 8.03 36.73
C ASP A 95 -23.63 7.90 37.07
N LEU A 96 -23.13 8.71 38.01
CA LEU A 96 -21.68 8.78 38.23
C LEU A 96 -21.08 7.45 38.71
N GLN A 97 -21.82 6.71 39.54
CA GLN A 97 -21.36 5.39 40.01
C GLN A 97 -21.42 4.31 38.91
N ALA A 98 -22.47 4.33 38.10
CA ALA A 98 -22.58 3.39 36.97
C ALA A 98 -21.44 3.64 35.98
N ARG A 99 -21.18 4.92 35.72
CA ARG A 99 -20.09 5.32 34.84
C ARG A 99 -18.75 4.90 35.43
N ALA A 100 -18.61 5.05 36.75
CA ALA A 100 -17.37 4.69 37.38
C ALA A 100 -17.10 3.19 37.26
N ARG A 101 -18.14 2.38 37.39
CA ARG A 101 -17.99 0.92 37.18
C ARG A 101 -17.48 0.58 35.79
N VAL A 102 -17.92 1.31 34.78
CA VAL A 102 -17.40 1.07 33.44
C VAL A 102 -15.92 1.47 33.40
N ASP A 103 -15.61 2.67 33.91
CA ASP A 103 -14.22 3.14 33.96
C ASP A 103 -13.29 2.18 34.73
N GLU A 104 -13.80 1.62 35.81
CA GLU A 104 -13.02 0.73 36.64
C GLU A 104 -12.67 -0.54 35.87
N TYR A 105 -13.65 -1.11 35.16
CA TYR A 105 -13.36 -2.30 34.38
C TYR A 105 -12.37 -1.96 33.28
N LEU A 106 -12.64 -0.87 32.56
CA LEU A 106 -11.78 -0.52 31.45
C LEU A 106 -10.34 -0.27 31.87
N ALA A 107 -10.13 0.29 33.06
CA ALA A 107 -8.78 0.51 33.55
C ALA A 107 -8.18 -0.82 34.00
N TRP A 108 -8.95 -1.58 34.78
CA TRP A 108 -8.47 -2.86 35.32
C TRP A 108 -7.96 -3.84 34.25
N GLN A 109 -8.67 -3.94 33.13
CA GLN A 109 -8.40 -5.00 32.18
C GLN A 109 -7.05 -4.89 31.45
N HIS A 110 -6.49 -3.68 31.36
CA HIS A 110 -5.27 -3.49 30.55
C HIS A 110 -4.14 -4.43 30.93
N THR A 111 -3.95 -4.61 32.24
CA THR A 111 -2.78 -5.34 32.78
C THR A 111 -3.14 -6.74 33.29
N THR A 112 -4.41 -7.09 33.19
CA THR A 112 -4.93 -8.34 33.79
C THR A 112 -5.52 -9.23 32.70
N LEU A 113 -6.80 -9.08 32.41
CA LEU A 113 -7.49 -9.97 31.44
C LEU A 113 -6.94 -9.79 30.03
N ARG A 114 -6.66 -8.55 29.62
CA ARG A 114 -6.15 -8.35 28.27
C ARG A 114 -4.85 -9.16 28.09
N ARG A 115 -3.96 -9.03 29.08
CA ARG A 115 -2.66 -9.68 29.06
C ARG A 115 -2.81 -11.20 29.10
N SER A 116 -3.69 -11.72 29.97
CA SER A 116 -3.84 -13.17 30.07
C SER A 116 -4.43 -13.79 28.80
N CYS A 117 -5.39 -13.11 28.20
CA CYS A 117 -6.04 -13.61 26.98
C CYS A 117 -5.08 -13.61 25.81
N LEU A 118 -4.28 -12.56 25.71
CA LEU A 118 -3.25 -12.49 24.68
C LEU A 118 -2.21 -13.58 24.85
N ARG A 119 -1.69 -13.72 26.07
CA ARG A 119 -0.66 -14.72 26.32
C ARG A 119 -1.19 -16.13 26.05
N ALA A 120 -2.46 -16.38 26.37
CA ALA A 120 -3.08 -17.67 26.10
C ALA A 120 -3.07 -18.01 24.60
N LEU A 121 -3.47 -17.06 23.75
CA LEU A 121 -3.47 -17.28 22.30
C LEU A 121 -2.05 -17.53 21.79
N TRP A 122 -1.08 -16.74 22.23
CA TRP A 122 0.27 -16.84 21.67
C TRP A 122 1.05 -18.04 22.20
N HIS A 123 0.97 -18.29 23.49
CA HIS A 123 1.65 -19.44 24.09
C HIS A 123 1.03 -20.79 23.72
N LYS A 124 -0.28 -20.81 23.49
CA LYS A 124 -0.92 -22.08 23.19
C LYS A 124 -0.83 -22.41 21.71
N VAL A 125 -1.01 -21.40 20.85
CA VAL A 125 -1.20 -21.63 19.42
C VAL A 125 -0.27 -20.83 18.51
N MET A 126 -0.28 -19.50 18.63
CA MET A 126 0.32 -18.66 17.59
C MET A 126 1.84 -18.72 17.55
N PHE A 127 2.49 -18.92 18.70
CA PHE A 127 3.94 -19.12 18.70
C PHE A 127 4.35 -20.43 18.06
N PRO A 128 3.89 -21.58 18.62
CA PRO A 128 4.34 -22.86 18.07
C PRO A 128 3.89 -23.10 16.63
N VAL A 129 2.66 -22.70 16.29
CA VAL A 129 2.08 -22.99 14.97
C VAL A 129 2.46 -21.95 13.93
N PHE A 130 2.07 -20.71 14.15
CA PHE A 130 2.27 -19.66 13.16
C PHE A 130 3.73 -19.19 13.05
N LEU A 131 4.40 -19.01 14.18
CA LEU A 131 5.78 -18.53 14.18
C LEU A 131 6.84 -19.62 14.27
N GLY A 132 6.41 -20.88 14.38
CA GLY A 132 7.33 -22.03 14.49
C GLY A 132 8.30 -21.89 15.64
N GLU A 133 7.80 -21.32 16.74
CA GLU A 133 8.58 -21.12 17.95
C GLU A 133 7.97 -21.95 19.07
N PRO A 134 8.64 -23.05 19.45
CA PRO A 134 8.14 -23.86 20.56
C PRO A 134 8.06 -23.04 21.85
N VAL A 135 7.02 -23.30 22.62
CA VAL A 135 6.87 -22.66 23.93
C VAL A 135 7.11 -23.71 24.99
N SER A 136 7.86 -23.35 26.03
CA SER A 136 8.11 -24.32 27.09
C SER A 136 6.80 -24.66 27.79
N PRO A 137 6.61 -25.94 28.16
CA PRO A 137 5.42 -26.35 28.90
C PRO A 137 5.23 -25.63 30.24
N GLN A 138 6.33 -25.27 30.91
CA GLN A 138 6.27 -24.50 32.17
C GLN A 138 5.64 -23.13 31.90
N THR A 139 6.02 -22.51 30.79
CA THR A 139 5.49 -21.20 30.43
C THR A 139 4.00 -21.32 30.09
N LEU A 140 3.62 -22.34 29.32
CA LEU A 140 2.23 -22.57 28.99
C LEU A 140 1.37 -22.84 30.24
N ALA A 141 1.88 -23.71 31.13
CA ALA A 141 1.17 -23.99 32.40
C ALA A 141 0.93 -22.74 33.22
N ALA A 142 1.93 -21.84 33.28
CA ALA A 142 1.81 -20.59 34.08
C ALA A 142 0.77 -19.70 33.41
N THR A 143 0.81 -19.64 32.08
CA THR A 143 -0.14 -18.82 31.33
C THR A 143 -1.59 -19.28 31.52
N LEU A 144 -1.83 -20.59 31.43
CA LEU A 144 -3.17 -21.12 31.60
C LEU A 144 -3.69 -20.91 33.04
N ALA A 145 -2.80 -21.06 34.01
CA ALA A 145 -3.14 -20.82 35.42
C ALA A 145 -3.54 -19.36 35.64
N GLU A 146 -2.80 -18.44 35.01
CA GLU A 146 -3.06 -17.01 35.15
C GLU A 146 -4.39 -16.65 34.50
N LEU A 147 -4.70 -17.30 33.39
CA LEU A 147 -5.97 -17.08 32.72
C LEU A 147 -7.12 -17.48 33.64
N ASP A 148 -6.99 -18.62 34.30
CA ASP A 148 -7.97 -19.06 35.30
C ASP A 148 -8.18 -18.06 36.41
N VAL A 149 -7.08 -17.49 36.91
CA VAL A 149 -7.15 -16.47 37.96
C VAL A 149 -7.95 -15.25 37.45
N THR A 150 -7.64 -14.79 36.25
CA THR A 150 -8.32 -13.60 35.71
C THR A 150 -9.79 -13.84 35.38
N LEU A 151 -10.12 -15.06 34.95
CA LEU A 151 -11.52 -15.40 34.72
C LEU A 151 -12.31 -15.46 36.03
N GLN A 152 -11.68 -15.95 37.10
CA GLN A 152 -12.30 -15.96 38.42
C GLN A 152 -12.57 -14.53 38.90
N LEU A 153 -11.61 -13.63 38.68
CA LEU A 153 -11.77 -12.21 39.02
C LEU A 153 -12.88 -11.56 38.22
N LEU A 154 -12.95 -11.89 36.93
CA LEU A 154 -14.03 -11.40 36.10
C LEU A 154 -15.39 -11.72 36.74
N GLU A 155 -15.52 -12.92 37.28
CA GLU A 155 -16.77 -13.35 37.89
C GLU A 155 -16.94 -12.73 39.27
N ASP A 156 -15.89 -12.78 40.09
CA ASP A 156 -16.03 -12.38 41.48
C ASP A 156 -16.06 -10.88 41.73
N LYS A 157 -15.26 -10.14 40.98
CA LYS A 157 -15.20 -8.69 41.16
C LYS A 157 -16.28 -7.99 40.34
N PHE A 158 -16.48 -8.41 39.09
CA PHE A 158 -17.29 -7.63 38.18
C PHE A 158 -18.69 -8.17 38.00
N LEU A 159 -18.82 -9.31 37.33
CA LEU A 159 -20.13 -9.84 37.01
C LEU A 159 -20.99 -10.13 38.24
N GLN A 160 -20.41 -10.84 39.22
CA GLN A 160 -21.14 -11.21 40.44
C GLN A 160 -22.49 -11.84 40.06
N ASN A 161 -23.58 -11.36 40.66
CA ASN A 161 -24.91 -11.88 40.32
C ASN A 161 -25.74 -11.00 39.38
N LYS A 162 -25.04 -10.16 38.61
CA LYS A 162 -25.72 -9.24 37.70
C LYS A 162 -25.82 -9.84 36.30
N ALA A 163 -26.65 -9.22 35.45
CA ALA A 163 -26.78 -9.67 34.08
C ALA A 163 -25.54 -9.32 33.26
N PHE A 164 -24.93 -8.16 33.57
CA PHE A 164 -23.77 -7.69 32.85
C PHE A 164 -22.71 -7.20 33.80
N LEU A 165 -21.54 -6.78 33.27
CA LEU A 165 -20.46 -6.52 34.17
C LEU A 165 -20.66 -5.35 35.10
N THR A 166 -21.46 -4.37 34.65
CA THR A 166 -21.64 -3.16 35.46
C THR A 166 -23.08 -2.90 35.92
N GLY A 167 -23.99 -3.77 35.53
CA GLY A 167 -25.41 -3.59 35.87
C GLY A 167 -26.30 -4.45 34.99
N PRO A 168 -27.57 -4.06 34.84
CA PRO A 168 -28.58 -4.88 34.15
C PRO A 168 -28.59 -4.74 32.62
N HIS A 169 -27.67 -3.95 32.07
CA HIS A 169 -27.60 -3.78 30.62
C HIS A 169 -26.14 -3.82 30.20
N ILE A 170 -25.90 -4.14 28.93
CA ILE A 170 -24.57 -4.12 28.35
C ILE A 170 -23.99 -2.71 28.47
N SER A 171 -22.67 -2.65 28.64
CA SER A 171 -21.96 -1.37 28.59
C SER A 171 -20.67 -1.56 27.81
N LEU A 172 -19.88 -0.49 27.66
CA LEU A 172 -18.56 -0.65 27.01
C LEU A 172 -17.73 -1.74 27.66
N ALA A 173 -17.85 -1.89 28.98
CA ALA A 173 -17.07 -2.89 29.70
C ALA A 173 -17.29 -4.29 29.14
N ASP A 174 -18.55 -4.63 28.90
CA ASP A 174 -18.86 -5.98 28.41
C ASP A 174 -18.30 -6.23 27.04
N LEU A 175 -18.28 -5.19 26.21
CA LEU A 175 -17.77 -5.30 24.86
C LEU A 175 -16.26 -5.56 24.87
N VAL A 176 -15.53 -4.87 25.74
CA VAL A 176 -14.11 -5.08 25.86
C VAL A 176 -13.83 -6.48 26.41
N ALA A 177 -14.59 -6.89 27.42
CA ALA A 177 -14.34 -8.20 28.08
C ALA A 177 -14.62 -9.32 27.12
N ILE A 178 -15.76 -9.25 26.44
CA ILE A 178 -16.12 -10.39 25.54
C ILE A 178 -15.12 -10.58 24.42
N THR A 179 -14.64 -9.48 23.81
CA THR A 179 -13.70 -9.63 22.71
C THR A 179 -12.37 -10.15 23.24
N GLU A 180 -12.03 -9.81 24.49
CA GLU A 180 -10.82 -10.41 25.15
C GLU A 180 -10.96 -11.90 25.30
N LEU A 181 -12.11 -12.32 25.80
CA LEU A 181 -12.33 -13.75 26.10
C LEU A 181 -12.32 -14.57 24.84
N MET A 182 -12.66 -13.96 23.71
CA MET A 182 -12.66 -14.71 22.44
C MET A 182 -11.27 -15.09 21.96
N HIS A 183 -10.24 -14.44 22.49
CA HIS A 183 -8.85 -14.79 22.18
C HIS A 183 -8.49 -16.21 22.64
N PRO A 184 -8.60 -16.52 23.97
CA PRO A 184 -8.41 -17.94 24.40
C PRO A 184 -9.40 -18.91 23.76
N VAL A 185 -10.62 -18.45 23.44
CA VAL A 185 -11.58 -19.34 22.77
C VAL A 185 -11.01 -19.73 21.40
N GLY A 186 -10.49 -18.77 20.64
CA GLY A 186 -9.80 -19.05 19.37
C GLY A 186 -8.61 -19.98 19.53
N ALA A 187 -7.96 -19.93 20.70
CA ALA A 187 -6.83 -20.78 21.00
C ALA A 187 -7.22 -22.20 21.43
N GLY A 188 -8.53 -22.41 21.61
CA GLY A 188 -9.07 -23.70 22.06
C GLY A 188 -9.04 -23.91 23.57
N CYS A 189 -8.87 -22.84 24.34
CA CYS A 189 -8.87 -22.93 25.80
C CYS A 189 -10.28 -23.17 26.30
N GLN A 190 -10.37 -23.77 27.48
CA GLN A 190 -11.65 -24.05 28.15
C GLN A 190 -12.11 -22.81 28.93
N VAL A 191 -12.66 -21.83 28.21
CA VAL A 191 -13.02 -20.54 28.81
C VAL A 191 -14.40 -20.61 29.47
N PHE A 192 -15.40 -20.93 28.67
CA PHE A 192 -16.79 -20.89 29.12
C PHE A 192 -17.22 -22.23 29.71
N GLU A 193 -16.48 -23.29 29.39
CA GLU A 193 -16.63 -24.60 30.03
C GLU A 193 -16.29 -24.54 31.53
N GLY A 194 -17.27 -24.92 32.35
CA GLY A 194 -17.08 -24.96 33.78
C GLY A 194 -17.46 -23.66 34.47
N ARG A 195 -17.93 -22.70 33.67
CA ARG A 195 -18.29 -21.37 34.20
C ARG A 195 -19.67 -20.92 33.65
N PRO A 196 -20.76 -21.51 34.18
CA PRO A 196 -22.10 -21.28 33.65
C PRO A 196 -22.52 -19.81 33.74
N LYS A 197 -22.07 -19.10 34.77
CA LYS A 197 -22.37 -17.67 34.88
C LYS A 197 -21.74 -16.86 33.75
N LEU A 198 -20.53 -17.22 33.35
CA LEU A 198 -19.91 -16.54 32.21
C LEU A 198 -20.54 -16.95 30.89
N ALA A 199 -20.96 -18.21 30.78
CA ALA A 199 -21.56 -18.69 29.56
C ALA A 199 -22.88 -18.00 29.29
N THR A 200 -23.68 -17.80 30.34
CA THR A 200 -25.00 -17.16 30.18
C THR A 200 -24.82 -15.67 29.89
N TRP A 201 -23.83 -15.06 30.55
CA TRP A 201 -23.44 -13.68 30.23
C TRP A 201 -23.03 -13.52 28.77
N ARG A 202 -22.22 -14.45 28.25
CA ARG A 202 -21.82 -14.40 26.84
C ARG A 202 -23.04 -14.40 25.92
N GLN A 203 -24.01 -15.26 26.21
CA GLN A 203 -25.19 -15.31 25.37
C GLN A 203 -25.96 -13.98 25.40
N ARG A 204 -26.05 -13.39 26.60
CA ARG A 204 -26.71 -12.08 26.76
C ARG A 204 -25.98 -10.98 25.99
N VAL A 205 -24.65 -11.03 25.99
CA VAL A 205 -23.83 -10.05 25.26
C VAL A 205 -23.98 -10.20 23.75
N GLU A 206 -23.88 -11.42 23.25
CA GLU A 206 -24.12 -11.71 21.83
C GLU A 206 -25.49 -11.23 21.35
N ALA A 207 -26.53 -11.49 22.14
CA ALA A 207 -27.87 -10.99 21.83
C ALA A 207 -27.93 -9.47 21.76
N ALA A 208 -27.30 -8.82 22.75
CA ALA A 208 -27.33 -7.35 22.84
C ALA A 208 -26.57 -6.72 21.68
N VAL A 209 -25.51 -7.38 21.25
CA VAL A 209 -24.66 -6.89 20.16
C VAL A 209 -25.28 -7.22 18.78
N GLY A 210 -26.03 -8.32 18.74
CA GLY A 210 -26.50 -8.90 17.48
C GLY A 210 -25.61 -10.08 17.13
N GLU A 211 -26.20 -11.27 17.06
CA GLU A 211 -25.47 -12.53 16.79
C GLU A 211 -24.65 -12.52 15.50
N ASP A 212 -25.24 -11.98 14.43
CA ASP A 212 -24.55 -11.95 13.12
C ASP A 212 -23.32 -11.05 13.16
N LEU A 213 -23.45 -9.87 13.78
CA LEU A 213 -22.33 -8.95 13.95
C LEU A 213 -21.24 -9.57 14.82
N PHE A 214 -21.64 -10.17 15.94
CA PHE A 214 -20.69 -10.81 16.83
C PHE A 214 -19.89 -11.88 16.09
N GLN A 215 -20.62 -12.69 15.30
CA GLN A 215 -20.00 -13.77 14.56
C GLN A 215 -19.07 -13.23 13.50
N GLU A 216 -19.52 -12.21 12.77
CA GLU A 216 -18.71 -11.56 11.74
C GLU A 216 -17.40 -11.02 12.33
N ALA A 217 -17.50 -10.36 13.47
CA ALA A 217 -16.32 -9.78 14.11
C ALA A 217 -15.30 -10.84 14.53
N HIS A 218 -15.77 -12.06 14.80
CA HIS A 218 -14.90 -13.10 15.35
C HIS A 218 -14.45 -14.17 14.35
N GLU A 219 -14.74 -13.96 13.07
CA GLU A 219 -14.37 -14.96 12.05
C GLU A 219 -12.85 -15.19 11.97
N VAL A 220 -12.07 -14.11 12.07
CA VAL A 220 -10.61 -14.21 11.93
C VAL A 220 -9.95 -14.89 13.13
N ILE A 221 -10.31 -14.49 14.35
CA ILE A 221 -9.70 -15.12 15.54
C ILE A 221 -10.02 -16.61 15.67
N LEU A 222 -11.22 -17.02 15.24
CA LEU A 222 -11.56 -18.44 15.26
C LEU A 222 -10.81 -19.28 14.20
N LYS A 223 -10.18 -18.64 13.22
CA LYS A 223 -9.38 -19.41 12.25
C LYS A 223 -7.88 -19.18 12.37
N ALA A 224 -7.49 -18.44 13.40
CA ALA A 224 -6.09 -18.15 13.65
C ALA A 224 -5.26 -19.42 13.71
N LYS A 225 -5.79 -20.44 14.37
CA LYS A 225 -5.11 -21.73 14.55
C LYS A 225 -4.75 -22.42 13.24
N ASP A 226 -5.28 -21.91 12.12
CA ASP A 226 -5.09 -22.52 10.80
C ASP A 226 -4.33 -21.61 9.82
N PHE A 227 -3.84 -20.47 10.29
CA PHE A 227 -2.98 -19.60 9.48
C PHE A 227 -1.75 -20.37 8.99
N PRO A 228 -1.39 -20.21 7.70
CA PRO A 228 -0.10 -20.76 7.23
C PRO A 228 1.08 -20.13 7.99
N PRO A 229 2.07 -20.96 8.40
CA PRO A 229 3.28 -20.48 9.08
C PRO A 229 3.99 -19.33 8.36
N ALA A 230 4.41 -18.33 9.13
CA ALA A 230 5.07 -17.16 8.61
C ALA A 230 6.39 -17.50 7.92
N ASP A 231 6.67 -16.82 6.81
CA ASP A 231 7.97 -16.85 6.14
C ASP A 231 9.01 -16.30 7.12
N PRO A 232 10.31 -16.66 6.96
CA PRO A 232 11.39 -16.01 7.73
C PRO A 232 11.37 -14.47 7.88
N THR A 233 11.11 -13.74 6.79
CA THR A 233 11.12 -12.27 6.84
C THR A 233 9.96 -11.72 7.65
N ILE A 234 8.79 -12.34 7.48
CA ILE A 234 7.62 -11.96 8.28
C ILE A 234 7.84 -12.31 9.77
N LYS A 235 8.34 -13.51 10.05
CA LYS A 235 8.70 -13.89 11.41
C LYS A 235 9.64 -12.88 12.08
N GLN A 236 10.71 -12.50 11.37
CA GLN A 236 11.67 -11.51 11.85
C GLN A 236 11.01 -10.17 12.18
N LYS A 237 10.11 -9.75 11.30
CA LYS A 237 9.42 -8.47 11.44
C LYS A 237 8.46 -8.49 12.63
N LEU A 238 7.79 -9.62 12.81
CA LEU A 238 6.71 -9.71 13.81
C LEU A 238 7.17 -10.00 15.24
N MET A 239 8.27 -10.73 15.38
CA MET A 239 8.72 -11.17 16.72
C MET A 239 8.74 -10.05 17.78
N PRO A 240 9.37 -8.88 17.49
CA PRO A 240 9.45 -7.81 18.49
C PRO A 240 8.09 -7.19 18.80
N TRP A 241 7.22 -7.17 17.80
CA TRP A 241 5.84 -6.74 17.98
C TRP A 241 5.09 -7.69 18.93
N VAL A 242 5.23 -9.00 18.71
CA VAL A 242 4.57 -10.01 19.56
C VAL A 242 5.10 -9.95 20.99
N LEU A 243 6.43 -9.93 21.16
CA LEU A 243 7.06 -9.95 22.48
C LEU A 243 6.74 -8.73 23.33
N ALA A 244 6.64 -7.56 22.70
CA ALA A 244 6.26 -6.34 23.39
C ALA A 244 4.79 -6.37 23.78
N MET A 245 4.01 -7.11 23.00
CA MET A 245 2.57 -7.23 23.13
C MET A 245 2.19 -8.06 24.35
N ILE A 246 3.00 -9.08 24.64
CA ILE A 246 2.67 -10.06 25.68
C ILE A 246 3.51 -9.92 26.96
N ARG A 247 4.77 -9.51 26.76
CA ARG A 247 5.81 -9.35 27.81
C ARG A 247 6.11 -10.53 28.74
N GLY B 9 -19.03 9.27 54.75
CA GLY B 9 -18.34 10.25 53.86
C GLY B 9 -17.25 9.61 53.02
N LEU B 10 -16.53 10.45 52.28
CA LEU B 10 -15.49 9.98 51.35
C LEU B 10 -14.22 9.55 52.10
N GLU B 11 -13.76 8.34 51.81
CA GLU B 11 -12.53 7.80 52.36
C GLU B 11 -11.63 7.41 51.19
N LEU B 12 -10.35 7.76 51.30
CA LEU B 12 -9.34 7.37 50.29
C LEU B 12 -8.27 6.56 50.99
N TYR B 13 -8.09 5.32 50.53
CA TYR B 13 -7.11 4.38 51.08
C TYR B 13 -5.88 4.43 50.21
N LEU B 14 -4.80 4.95 50.78
CA LEU B 14 -3.64 5.38 50.01
C LEU B 14 -2.33 5.07 50.73
N ASP B 15 -1.29 4.82 49.95
CA ASP B 15 0.06 4.84 50.47
C ASP B 15 0.85 5.68 49.49
N LEU B 16 1.48 6.75 49.97
CA LEU B 16 2.23 7.62 49.08
C LEU B 16 3.49 7.02 48.46
N LEU B 17 3.90 5.84 48.92
CA LEU B 17 4.89 5.07 48.19
C LEU B 17 4.38 4.72 46.78
N SER B 18 3.08 4.51 46.66
CA SER B 18 2.44 4.07 45.40
C SER B 18 2.23 5.21 44.36
N GLN B 19 2.61 4.93 43.11
CA GLN B 19 2.43 5.91 42.02
C GLN B 19 0.96 6.38 41.86
N PRO B 20 0.01 5.44 41.66
CA PRO B 20 -1.38 5.89 41.49
C PRO B 20 -1.93 6.59 42.73
N CYS B 21 -1.50 6.17 43.91
CA CYS B 21 -1.98 6.81 45.13
C CYS B 21 -1.55 8.27 45.17
N ARG B 22 -0.30 8.58 44.76
CA ARG B 22 0.15 9.98 44.70
C ARG B 22 -0.70 10.84 43.78
N ALA B 23 -1.05 10.28 42.61
CA ALA B 23 -1.91 11.00 41.68
C ALA B 23 -3.25 11.35 42.32
N VAL B 24 -3.85 10.35 42.97
CA VAL B 24 -5.14 10.53 43.64
C VAL B 24 -5.04 11.55 44.78
N TYR B 25 -3.99 11.43 45.58
CA TYR B 25 -3.78 12.34 46.70
C TYR B 25 -3.61 13.79 46.23
N ILE B 26 -2.74 14.00 45.24
CA ILE B 26 -2.52 15.32 44.70
C ILE B 26 -3.80 15.90 44.13
N PHE B 27 -4.51 15.12 43.33
CA PHE B 27 -5.75 15.59 42.77
C PHE B 27 -6.77 16.02 43.82
N ALA B 28 -6.97 15.20 44.85
CA ALA B 28 -7.96 15.51 45.90
C ALA B 28 -7.55 16.75 46.70
N LYS B 29 -6.28 16.83 47.09
CA LYS B 29 -5.81 17.99 47.86
C LYS B 29 -5.83 19.29 47.05
N LYS B 30 -5.36 19.22 45.81
CA LYS B 30 -5.38 20.40 44.95
C LYS B 30 -6.79 20.98 44.80
N ASN B 31 -7.78 20.11 44.67
CA ASN B 31 -9.18 20.49 44.43
C ASN B 31 -10.00 20.72 45.69
N ASP B 32 -9.33 20.64 46.84
CA ASP B 32 -9.96 20.84 48.15
C ASP B 32 -11.15 19.92 48.30
N ILE B 33 -11.02 18.68 47.81
CA ILE B 33 -12.04 17.67 48.06
C ILE B 33 -11.95 17.11 49.49
N PRO B 34 -13.04 17.25 50.27
CA PRO B 34 -12.95 16.73 51.64
C PRO B 34 -12.90 15.20 51.66
N PHE B 35 -11.90 14.65 52.33
CA PHE B 35 -11.86 13.20 52.48
C PHE B 35 -11.15 12.79 53.74
N GLU B 36 -11.47 11.60 54.22
CA GLU B 36 -10.72 10.96 55.28
C GLU B 36 -9.62 10.12 54.67
N LEU B 37 -8.37 10.50 54.96
CA LEU B 37 -7.19 9.76 54.55
C LEU B 37 -6.99 8.51 55.40
N ARG B 38 -7.02 7.34 54.75
CA ARG B 38 -6.71 6.09 55.41
C ARG B 38 -5.41 5.55 54.87
N ILE B 39 -4.33 5.74 55.62
CA ILE B 39 -3.02 5.21 55.22
C ILE B 39 -3.04 3.68 55.27
N VAL B 40 -2.59 3.08 54.17
CA VAL B 40 -2.40 1.64 54.08
C VAL B 40 -0.91 1.43 53.82
N ASP B 41 -0.17 1.03 54.86
CA ASP B 41 1.29 0.90 54.80
C ASP B 41 1.72 -0.34 54.01
N LEU B 42 2.08 -0.15 52.74
CA LEU B 42 2.45 -1.26 51.86
C LEU B 42 3.65 -2.05 52.39
N ILE B 43 4.63 -1.32 52.88
CA ILE B 43 5.92 -1.82 53.33
C ILE B 43 5.76 -2.68 54.60
N LYS B 44 4.62 -2.50 55.27
CA LYS B 44 4.23 -3.32 56.41
C LYS B 44 3.24 -4.44 56.04
N GLY B 45 2.96 -4.59 54.75
CA GLY B 45 2.00 -5.59 54.28
C GLY B 45 0.56 -5.33 54.68
N GLN B 46 0.22 -4.08 54.99
CA GLN B 46 -1.14 -3.76 55.43
C GLN B 46 -2.22 -4.03 54.37
N HIS B 47 -1.84 -3.95 53.09
CA HIS B 47 -2.77 -4.19 51.99
C HIS B 47 -3.12 -5.66 51.87
N LEU B 48 -2.33 -6.51 52.52
CA LEU B 48 -2.55 -7.95 52.48
C LEU B 48 -3.29 -8.44 53.75
N SER B 49 -3.68 -7.50 54.60
CA SER B 49 -4.37 -7.79 55.87
C SER B 49 -5.83 -8.18 55.64
N ASP B 50 -6.39 -8.89 56.60
CA ASP B 50 -7.81 -9.28 56.55
C ASP B 50 -8.71 -8.06 56.59
N ALA B 51 -8.30 -7.06 57.37
CA ALA B 51 -9.01 -5.79 57.46
C ALA B 51 -9.13 -5.11 56.10
N PHE B 52 -8.00 -4.99 55.40
CA PHE B 52 -8.01 -4.25 54.12
C PHE B 52 -8.70 -5.04 53.03
N ALA B 53 -8.58 -6.37 53.10
CA ALA B 53 -9.28 -7.24 52.17
C ALA B 53 -10.79 -7.02 52.22
N GLN B 54 -11.30 -6.53 53.35
CA GLN B 54 -12.72 -6.19 53.47
C GLN B 54 -13.06 -4.90 52.73
N VAL B 55 -12.12 -3.95 52.75
CA VAL B 55 -12.23 -2.71 51.98
C VAL B 55 -12.11 -3.00 50.47
N ASN B 56 -11.03 -3.67 50.09
CA ASN B 56 -10.78 -4.01 48.70
C ASN B 56 -10.27 -5.43 48.57
N PRO B 57 -11.16 -6.36 48.20
CA PRO B 57 -10.76 -7.77 48.01
C PRO B 57 -9.57 -7.98 47.07
N LEU B 58 -9.33 -7.04 46.16
CA LEU B 58 -8.18 -7.10 45.25
C LEU B 58 -6.84 -6.80 45.94
N LYS B 59 -6.90 -6.28 47.18
CA LYS B 59 -5.71 -6.05 48.02
C LYS B 59 -4.69 -5.07 47.43
N LYS B 60 -5.20 -4.02 46.79
CA LYS B 60 -4.36 -3.01 46.18
C LYS B 60 -4.83 -1.63 46.57
N VAL B 61 -3.93 -0.67 46.51
CA VAL B 61 -4.33 0.73 46.65
C VAL B 61 -4.00 1.43 45.33
N PRO B 62 -4.66 2.54 45.02
CA PRO B 62 -5.67 3.23 45.85
C PRO B 62 -7.04 2.56 45.86
N ALA B 63 -7.80 2.81 46.91
CA ALA B 63 -9.22 2.47 46.90
C ALA B 63 -10.01 3.62 47.47
N LEU B 64 -11.19 3.82 46.93
CA LEU B 64 -12.12 4.85 47.35
C LEU B 64 -13.35 4.20 47.99
N LYS B 65 -13.83 4.79 49.07
CA LYS B 65 -15.07 4.36 49.71
C LYS B 65 -15.93 5.59 49.98
N ASP B 66 -17.18 5.57 49.52
CA ASP B 66 -18.11 6.69 49.65
C ASP B 66 -19.40 6.02 50.07
N GLY B 67 -19.54 5.76 51.37
CA GLY B 67 -20.69 4.99 51.87
C GLY B 67 -20.63 3.55 51.40
N ASP B 68 -21.69 3.09 50.75
CA ASP B 68 -21.73 1.72 50.24
C ASP B 68 -21.03 1.56 48.89
N PHE B 69 -20.46 2.65 48.36
CA PHE B 69 -19.78 2.62 47.06
C PHE B 69 -18.28 2.49 47.25
N THR B 70 -17.70 1.47 46.60
CA THR B 70 -16.28 1.25 46.60
C THR B 70 -15.78 1.25 45.17
N LEU B 71 -14.62 1.87 44.99
CA LEU B 71 -14.06 2.03 43.67
C LEU B 71 -12.58 1.83 43.73
N THR B 72 -12.08 1.08 42.75
CA THR B 72 -10.66 0.86 42.56
C THR B 72 -10.24 1.48 41.21
N GLU B 73 -8.95 1.38 40.93
CA GLU B 73 -8.26 1.93 39.76
C GLU B 73 -8.10 3.45 39.80
N SER B 74 -6.86 3.93 39.78
CA SER B 74 -6.63 5.38 39.79
C SER B 74 -7.38 6.12 38.72
N VAL B 75 -7.40 5.57 37.52
CA VAL B 75 -8.06 6.29 36.44
C VAL B 75 -9.55 6.45 36.75
N ALA B 76 -10.20 5.38 37.19
CA ALA B 76 -11.62 5.47 37.56
C ALA B 76 -11.88 6.41 38.75
N ILE B 77 -10.98 6.38 39.73
CA ILE B 77 -11.13 7.24 40.90
C ILE B 77 -10.97 8.70 40.50
N LEU B 78 -9.94 8.98 39.70
CA LEU B 78 -9.76 10.37 39.25
C LEU B 78 -10.95 10.92 38.49
N LEU B 79 -11.54 10.11 37.60
CA LEU B 79 -12.67 10.57 36.83
C LEU B 79 -13.89 10.73 37.70
N TYR B 80 -14.07 9.81 38.66
CA TYR B 80 -15.20 9.92 39.58
C TYR B 80 -15.12 11.22 40.38
N LEU B 81 -13.93 11.53 40.90
CA LEU B 81 -13.76 12.74 41.72
C LEU B 81 -13.93 14.00 40.88
N THR B 82 -13.44 13.95 39.64
CA THR B 82 -13.61 15.05 38.70
C THR B 82 -15.09 15.39 38.57
N ARG B 83 -15.91 14.36 38.38
CA ARG B 83 -17.33 14.53 38.10
C ARG B 83 -18.11 14.87 39.36
N LYS B 84 -17.90 14.10 40.44
CA LYS B 84 -18.68 14.28 41.64
C LYS B 84 -18.47 15.67 42.26
N TYR B 85 -17.23 16.15 42.22
CA TYR B 85 -16.88 17.39 42.94
C TYR B 85 -16.77 18.58 42.02
N LYS B 86 -17.15 18.42 40.76
CA LYS B 86 -17.33 19.58 39.85
C LYS B 86 -16.06 20.41 39.84
N VAL B 87 -14.94 19.73 39.65
CA VAL B 87 -13.62 20.37 39.59
C VAL B 87 -13.55 21.22 38.29
N PRO B 88 -12.59 22.15 38.21
CA PRO B 88 -12.39 22.94 36.98
C PRO B 88 -12.22 21.99 35.78
N ASP B 89 -12.79 22.34 34.63
CA ASP B 89 -12.85 21.44 33.48
C ASP B 89 -11.51 21.18 32.82
N TYR B 90 -10.48 21.98 33.11
CA TYR B 90 -9.20 21.74 32.47
C TYR B 90 -8.62 20.35 32.80
N TRP B 91 -8.97 19.80 33.97
CA TRP B 91 -8.46 18.46 34.31
C TRP B 91 -8.88 17.40 33.30
N TYR B 92 -10.13 17.53 32.83
CA TYR B 92 -10.66 16.61 31.86
C TYR B 92 -11.57 17.41 30.92
N PRO B 93 -10.94 18.03 29.94
CA PRO B 93 -11.64 19.07 29.16
C PRO B 93 -12.88 18.61 28.45
N GLN B 94 -13.81 19.54 28.27
CA GLN B 94 -15.05 19.22 27.58
C GLN B 94 -14.93 19.00 26.08
N ASP B 95 -14.01 19.70 25.43
CA ASP B 95 -13.76 19.51 24.01
C ASP B 95 -13.49 18.02 23.78
N LEU B 96 -14.16 17.43 22.81
CA LEU B 96 -14.05 15.97 22.66
C LEU B 96 -12.67 15.46 22.29
N GLN B 97 -11.95 16.20 21.45
CA GLN B 97 -10.64 15.73 21.03
C GLN B 97 -9.63 15.90 22.18
N ALA B 98 -9.75 16.99 22.93
CA ALA B 98 -8.87 17.21 24.09
C ALA B 98 -9.11 16.12 25.15
N ARG B 99 -10.38 15.82 25.36
CA ARG B 99 -10.73 14.77 26.31
C ARG B 99 -10.16 13.45 25.84
N ALA B 100 -10.28 13.20 24.52
CA ALA B 100 -9.71 12.00 23.93
C ALA B 100 -8.22 11.87 24.12
N ARG B 101 -7.50 12.98 24.05
CA ARG B 101 -6.06 12.93 24.32
C ARG B 101 -5.76 12.53 25.75
N VAL B 102 -6.60 12.99 26.68
CA VAL B 102 -6.41 12.61 28.09
C VAL B 102 -6.70 11.09 28.20
N ASP B 103 -7.81 10.62 27.62
CA ASP B 103 -8.13 9.18 27.66
C ASP B 103 -7.04 8.32 27.01
N GLU B 104 -6.48 8.80 25.89
CA GLU B 104 -5.45 8.09 25.16
C GLU B 104 -4.21 7.92 26.07
N TYR B 105 -3.74 9.00 26.69
CA TYR B 105 -2.58 8.91 27.57
C TYR B 105 -2.90 7.96 28.74
N LEU B 106 -4.08 8.14 29.37
CA LEU B 106 -4.41 7.33 30.56
C LEU B 106 -4.50 5.86 30.22
N ALA B 107 -5.01 5.52 29.02
CA ALA B 107 -5.06 4.12 28.61
C ALA B 107 -3.66 3.60 28.34
N TRP B 108 -2.88 4.35 27.58
CA TRP B 108 -1.53 3.96 27.15
C TRP B 108 -0.60 3.67 28.31
N GLN B 109 -0.62 4.51 29.33
CA GLN B 109 0.39 4.40 30.40
C GLN B 109 0.35 3.10 31.20
N HIS B 110 -0.81 2.45 31.29
CA HIS B 110 -0.97 1.25 32.13
C HIS B 110 0.08 0.19 31.83
N THR B 111 0.35 -0.06 30.55
CA THR B 111 1.20 -1.18 30.17
C THR B 111 2.58 -0.76 29.73
N THR B 112 2.86 0.53 29.81
CA THR B 112 4.09 1.09 29.26
C THR B 112 4.84 1.85 30.35
N LEU B 113 4.59 3.14 30.48
CA LEU B 113 5.32 3.94 31.45
C LEU B 113 5.11 3.48 32.90
N ARG B 114 3.88 3.12 33.28
CA ARG B 114 3.61 2.63 34.64
C ARG B 114 4.59 1.50 34.95
N ARG B 115 4.68 0.55 34.02
CA ARG B 115 5.43 -0.68 34.19
C ARG B 115 6.93 -0.40 34.23
N SER B 116 7.40 0.49 33.35
CA SER B 116 8.86 0.77 33.29
C SER B 116 9.33 1.50 34.53
N CYS B 117 8.53 2.45 34.97
CA CYS B 117 8.85 3.21 36.19
C CYS B 117 8.85 2.31 37.42
N LEU B 118 7.88 1.39 37.51
CA LEU B 118 7.83 0.44 38.61
C LEU B 118 9.04 -0.48 38.58
N ARG B 119 9.35 -1.03 37.40
CA ARG B 119 10.49 -1.95 37.32
C ARG B 119 11.80 -1.26 37.66
N ALA B 120 11.91 0.01 37.26
CA ALA B 120 13.12 0.78 37.57
C ALA B 120 13.32 0.88 39.07
N LEU B 121 12.28 1.26 39.81
CA LEU B 121 12.41 1.41 41.24
C LEU B 121 12.79 0.09 41.88
N TRP B 122 12.13 -0.99 41.47
CA TRP B 122 12.34 -2.27 42.12
C TRP B 122 13.69 -2.88 41.78
N HIS B 123 14.07 -2.87 40.50
CA HIS B 123 15.33 -3.48 40.13
C HIS B 123 16.53 -2.68 40.61
N LYS B 124 16.42 -1.36 40.66
CA LYS B 124 17.53 -0.52 41.11
C LYS B 124 17.67 -0.40 42.61
N VAL B 125 16.56 -0.30 43.32
CA VAL B 125 16.58 0.02 44.75
C VAL B 125 15.83 -0.96 45.64
N MET B 126 14.54 -1.19 45.38
CA MET B 126 13.71 -1.89 46.38
C MET B 126 14.04 -3.38 46.53
N PHE B 127 14.46 -4.03 45.45
CA PHE B 127 14.95 -5.41 45.59
C PHE B 127 16.26 -5.47 46.42
N PRO B 128 17.37 -4.84 45.93
CA PRO B 128 18.65 -4.97 46.65
C PRO B 128 18.61 -4.41 48.07
N VAL B 129 18.05 -3.22 48.25
CA VAL B 129 18.04 -2.55 49.54
C VAL B 129 16.96 -3.11 50.47
N PHE B 130 15.70 -2.82 50.16
CA PHE B 130 14.58 -3.19 51.02
C PHE B 130 14.42 -4.70 51.18
N LEU B 131 14.43 -5.43 50.06
CA LEU B 131 14.19 -6.88 50.12
C LEU B 131 15.45 -7.75 50.29
N GLY B 132 16.63 -7.15 50.20
CA GLY B 132 17.89 -7.90 50.33
C GLY B 132 18.06 -8.93 49.24
N GLU B 133 17.63 -8.57 48.03
CA GLU B 133 17.61 -9.49 46.90
C GLU B 133 18.43 -8.87 45.80
N PRO B 134 19.65 -9.37 45.57
CA PRO B 134 20.46 -8.85 44.47
C PRO B 134 19.77 -9.00 43.11
N VAL B 135 19.97 -8.00 42.27
CA VAL B 135 19.47 -8.01 40.91
C VAL B 135 20.68 -8.04 40.01
N SER B 136 20.66 -8.89 39.00
CA SER B 136 21.80 -8.99 38.09
C SER B 136 21.96 -7.70 37.29
N PRO B 137 23.21 -7.26 37.06
CA PRO B 137 23.44 -6.07 36.24
C PRO B 137 22.79 -6.14 34.85
N GLN B 138 22.73 -7.33 34.26
CA GLN B 138 22.08 -7.53 32.96
C GLN B 138 20.60 -7.17 33.05
N THR B 139 19.94 -7.63 34.11
CA THR B 139 18.53 -7.30 34.35
C THR B 139 18.34 -5.79 34.53
N LEU B 140 19.13 -5.19 35.41
CA LEU B 140 19.05 -3.74 35.61
C LEU B 140 19.33 -2.97 34.34
N ALA B 141 20.37 -3.35 33.60
CA ALA B 141 20.69 -2.70 32.34
C ALA B 141 19.49 -2.73 31.38
N ALA B 142 18.84 -3.89 31.28
CA ALA B 142 17.67 -4.05 30.40
C ALA B 142 16.51 -3.17 30.88
N THR B 143 16.28 -3.17 32.19
CA THR B 143 15.19 -2.36 32.78
C THR B 143 15.40 -0.86 32.52
N LEU B 144 16.62 -0.38 32.74
CA LEU B 144 16.90 1.06 32.53
C LEU B 144 16.90 1.48 31.07
N ALA B 145 17.38 0.59 30.19
CA ALA B 145 17.26 0.80 28.73
C ALA B 145 15.80 0.89 28.31
N GLU B 146 14.95 0.06 28.91
CA GLU B 146 13.55 0.05 28.56
C GLU B 146 12.88 1.34 29.06
N LEU B 147 13.28 1.79 30.24
CA LEU B 147 12.78 3.07 30.74
C LEU B 147 13.13 4.19 29.76
N ASP B 148 14.36 4.18 29.26
CA ASP B 148 14.83 5.18 28.30
C ASP B 148 13.95 5.22 27.06
N VAL B 149 13.66 4.05 26.48
CA VAL B 149 12.76 3.94 25.33
C VAL B 149 11.37 4.53 25.63
N THR B 150 10.84 4.22 26.80
CA THR B 150 9.49 4.70 27.15
C THR B 150 9.48 6.20 27.42
N LEU B 151 10.57 6.73 27.97
CA LEU B 151 10.64 8.18 28.14
C LEU B 151 10.74 8.90 26.78
N GLN B 152 11.43 8.29 25.83
CA GLN B 152 11.46 8.85 24.47
C GLN B 152 10.07 8.85 23.83
N LEU B 153 9.28 7.81 24.09
CA LEU B 153 7.90 7.74 23.59
C LEU B 153 7.06 8.83 24.21
N LEU B 154 7.21 9.02 25.51
CA LEU B 154 6.50 10.09 26.22
C LEU B 154 6.74 11.44 25.54
N GLU B 155 7.99 11.70 25.16
CA GLU B 155 8.33 12.94 24.48
C GLU B 155 7.82 12.97 23.04
N ASP B 156 8.02 11.88 22.31
CA ASP B 156 7.70 11.83 20.86
C ASP B 156 6.22 11.73 20.55
N LYS B 157 5.49 11.00 21.38
CA LYS B 157 4.07 10.78 21.14
C LYS B 157 3.22 11.85 21.83
N PHE B 158 3.56 12.21 23.06
CA PHE B 158 2.66 13.02 23.86
C PHE B 158 3.10 14.46 24.00
N LEU B 159 4.22 14.70 24.68
CA LEU B 159 4.61 16.08 24.98
C LEU B 159 4.94 16.88 23.71
N GLN B 160 5.84 16.34 22.90
CA GLN B 160 6.30 17.01 21.66
C GLN B 160 6.76 18.43 22.03
N ASN B 161 6.32 19.44 21.30
CA ASN B 161 6.70 20.82 21.66
C ASN B 161 5.55 21.60 22.32
N LYS B 162 4.59 20.88 22.91
CA LYS B 162 3.52 21.48 23.68
C LYS B 162 3.95 21.79 25.11
N ALA B 163 3.18 22.64 25.79
CA ALA B 163 3.42 22.92 27.19
C ALA B 163 3.16 21.72 28.08
N PHE B 164 2.12 20.98 27.74
CA PHE B 164 1.68 19.83 28.56
C PHE B 164 1.38 18.63 27.64
N LEU B 165 1.13 17.48 28.25
CA LEU B 165 1.02 16.25 27.46
C LEU B 165 -0.12 16.26 26.46
N THR B 166 -1.20 16.97 26.79
CA THR B 166 -2.39 16.90 25.94
C THR B 166 -2.82 18.24 25.35
N GLY B 167 -2.02 19.27 25.56
CA GLY B 167 -2.32 20.60 25.00
C GLY B 167 -1.67 21.68 25.81
N PRO B 168 -2.23 22.92 25.74
CA PRO B 168 -1.60 24.06 26.39
C PRO B 168 -1.79 24.14 27.90
N HIS B 169 -2.62 23.28 28.49
CA HIS B 169 -2.88 23.32 29.92
C HIS B 169 -2.69 21.92 30.52
N ILE B 170 -2.40 21.88 31.83
CA ILE B 170 -2.28 20.61 32.53
C ILE B 170 -3.63 19.84 32.47
N SER B 171 -3.57 18.51 32.53
CA SER B 171 -4.78 17.68 32.62
C SER B 171 -4.48 16.50 33.52
N LEU B 172 -5.47 15.61 33.70
CA LEU B 172 -5.22 14.40 34.47
C LEU B 172 -4.03 13.61 33.91
N ALA B 173 -3.82 13.66 32.59
CA ALA B 173 -2.71 12.93 31.99
C ALA B 173 -1.38 13.34 32.60
N ASP B 174 -1.16 14.64 32.77
CA ASP B 174 0.15 15.10 33.29
C ASP B 174 0.33 14.70 34.73
N LEU B 175 -0.76 14.68 35.48
CA LEU B 175 -0.68 14.30 36.89
C LEU B 175 -0.30 12.80 37.06
N VAL B 176 -0.89 11.94 36.25
CA VAL B 176 -0.54 10.54 36.27
C VAL B 176 0.90 10.33 35.79
N ALA B 177 1.28 11.00 34.70
CA ALA B 177 2.66 10.89 34.18
C ALA B 177 3.74 11.35 35.16
N ILE B 178 3.53 12.51 35.79
CA ILE B 178 4.57 13.05 36.69
C ILE B 178 4.74 12.16 37.93
N THR B 179 3.63 11.63 38.45
CA THR B 179 3.74 10.77 39.63
C THR B 179 4.43 9.45 39.27
N GLU B 180 4.25 8.99 38.03
CA GLU B 180 4.91 7.78 37.56
C GLU B 180 6.40 8.01 37.47
N LEU B 181 6.79 9.15 36.89
CA LEU B 181 8.19 9.49 36.68
C LEU B 181 8.94 9.67 37.97
N MET B 182 8.25 10.04 39.04
CA MET B 182 8.94 10.22 40.33
C MET B 182 9.40 8.89 40.94
N HIS B 183 8.87 7.76 40.45
CA HIS B 183 9.34 6.46 40.92
C HIS B 183 10.83 6.28 40.53
N PRO B 184 11.16 6.33 39.22
CA PRO B 184 12.60 6.28 38.90
C PRO B 184 13.43 7.44 39.46
N VAL B 185 12.84 8.62 39.63
CA VAL B 185 13.58 9.71 40.27
C VAL B 185 13.98 9.30 41.68
N GLY B 186 13.05 8.70 42.43
CA GLY B 186 13.31 8.21 43.79
C GLY B 186 14.38 7.14 43.79
N ALA B 187 14.47 6.40 42.68
CA ALA B 187 15.39 5.28 42.55
C ALA B 187 16.80 5.76 42.21
N GLY B 188 16.92 7.04 41.86
CA GLY B 188 18.19 7.63 41.51
C GLY B 188 18.52 7.59 40.04
N CYS B 189 17.51 7.36 39.20
CA CYS B 189 17.67 7.35 37.77
C CYS B 189 17.80 8.76 37.23
N GLN B 190 18.44 8.87 36.06
CA GLN B 190 18.52 10.12 35.32
C GLN B 190 17.32 10.25 34.41
N VAL B 191 16.24 10.77 34.95
CA VAL B 191 15.00 10.89 34.20
C VAL B 191 14.96 12.23 33.47
N PHE B 192 15.13 13.31 34.22
CA PHE B 192 15.00 14.67 33.67
C PHE B 192 16.34 15.25 33.22
N GLU B 193 17.45 14.73 33.77
CA GLU B 193 18.79 15.05 33.26
C GLU B 193 18.90 14.55 31.82
N GLY B 194 19.35 15.38 30.91
CA GLY B 194 19.52 14.99 29.52
C GLY B 194 18.28 15.17 28.67
N ARG B 195 17.15 15.46 29.33
CA ARG B 195 15.90 15.66 28.62
C ARG B 195 15.28 17.02 28.99
N PRO B 196 15.83 18.11 28.40
CA PRO B 196 15.40 19.47 28.79
C PRO B 196 13.90 19.77 28.61
N LYS B 197 13.28 19.23 27.56
CA LYS B 197 11.84 19.41 27.34
C LYS B 197 11.00 18.80 28.49
N LEU B 198 11.41 17.62 28.96
CA LEU B 198 10.76 17.01 30.12
C LEU B 198 11.03 17.78 31.41
N ALA B 199 12.25 18.30 31.54
CA ALA B 199 12.62 19.09 32.72
C ALA B 199 11.77 20.35 32.85
N THR B 200 11.60 21.10 31.76
CA THR B 200 10.76 22.30 31.78
C THR B 200 9.28 21.94 32.02
N TRP B 201 8.82 20.85 31.39
CA TRP B 201 7.46 20.35 31.66
C TRP B 201 7.28 20.01 33.14
N ARG B 202 8.25 19.33 33.75
CA ARG B 202 8.18 19.04 35.18
C ARG B 202 7.98 20.30 36.03
N GLN B 203 8.71 21.37 35.71
CA GLN B 203 8.54 22.62 36.44
C GLN B 203 7.15 23.22 36.25
N ARG B 204 6.61 23.17 35.02
CA ARG B 204 5.26 23.69 34.76
C ARG B 204 4.23 22.87 35.55
N VAL B 205 4.46 21.56 35.64
CA VAL B 205 3.53 20.69 36.34
C VAL B 205 3.55 20.95 37.83
N GLU B 206 4.75 21.05 38.41
CA GLU B 206 4.84 21.35 39.84
C GLU B 206 4.18 22.69 40.19
N ALA B 207 4.36 23.66 39.32
CA ALA B 207 3.77 24.97 39.52
C ALA B 207 2.25 24.90 39.48
N ALA B 208 1.71 24.08 38.58
CA ALA B 208 0.27 23.97 38.39
C ALA B 208 -0.37 23.23 39.54
N VAL B 209 0.33 22.24 40.06
CA VAL B 209 -0.15 21.41 41.15
C VAL B 209 0.01 22.16 42.51
N GLY B 210 1.03 23.00 42.58
CA GLY B 210 1.43 23.63 43.84
C GLY B 210 2.70 22.96 44.32
N GLU B 211 3.77 23.71 44.44
CA GLU B 211 5.05 23.10 44.80
C GLU B 211 5.07 22.46 46.17
N ASP B 212 4.39 23.06 47.16
CA ASP B 212 4.35 22.44 48.49
C ASP B 212 3.69 21.07 48.44
N LEU B 213 2.52 21.01 47.79
CA LEU B 213 1.76 19.79 47.67
C LEU B 213 2.56 18.73 46.91
N PHE B 214 3.24 19.15 45.85
CA PHE B 214 4.03 18.22 45.07
C PHE B 214 5.12 17.58 45.93
N GLN B 215 5.83 18.41 46.69
CA GLN B 215 6.88 17.94 47.55
C GLN B 215 6.33 17.03 48.68
N GLU B 216 5.21 17.42 49.28
CA GLU B 216 4.57 16.62 50.32
C GLU B 216 4.21 15.23 49.81
N ALA B 217 3.64 15.19 48.61
CA ALA B 217 3.17 13.94 48.01
C ALA B 217 4.30 12.96 47.75
N HIS B 218 5.50 13.49 47.53
CA HIS B 218 6.65 12.69 47.10
C HIS B 218 7.67 12.42 48.18
N GLU B 219 7.34 12.85 49.40
CA GLU B 219 8.21 12.63 50.55
C GLU B 219 8.66 11.17 50.70
N VAL B 220 7.71 10.25 50.56
CA VAL B 220 7.98 8.84 50.83
C VAL B 220 8.83 8.23 49.74
N ILE B 221 8.49 8.49 48.47
CA ILE B 221 9.23 7.87 47.38
C ILE B 221 10.67 8.40 47.32
N LEU B 222 10.87 9.68 47.70
CA LEU B 222 12.22 10.23 47.69
C LEU B 222 13.14 9.69 48.80
N LYS B 223 12.58 8.97 49.76
CA LYS B 223 13.44 8.37 50.79
C LYS B 223 13.36 6.84 50.82
N ALA B 224 12.83 6.26 49.76
CA ALA B 224 12.72 4.80 49.64
C ALA B 224 14.10 4.14 49.69
N LYS B 225 15.10 4.82 49.14
CA LYS B 225 16.51 4.38 49.16
C LYS B 225 17.05 4.18 50.59
N ASP B 226 16.40 4.79 51.57
CA ASP B 226 16.81 4.69 52.98
C ASP B 226 15.89 3.80 53.82
N PHE B 227 14.90 3.16 53.21
CA PHE B 227 14.07 2.19 53.94
C PHE B 227 14.97 1.14 54.59
N PRO B 228 14.80 0.91 55.91
CA PRO B 228 15.48 -0.25 56.52
C PRO B 228 15.05 -1.56 55.86
N PRO B 229 15.99 -2.51 55.70
CA PRO B 229 15.65 -3.79 55.05
C PRO B 229 14.52 -4.51 55.77
N ALA B 230 13.60 -5.07 54.99
CA ALA B 230 12.47 -5.83 55.50
C ALA B 230 12.97 -6.99 56.36
N ASP B 231 12.28 -7.24 57.47
CA ASP B 231 12.61 -8.40 58.28
C ASP B 231 12.02 -9.65 57.62
N PRO B 232 12.56 -10.84 57.95
CA PRO B 232 12.13 -12.08 57.28
C PRO B 232 10.61 -12.31 57.22
N THR B 233 9.88 -11.95 58.27
CA THR B 233 8.42 -12.12 58.27
C THR B 233 7.75 -11.26 57.20
N ILE B 234 8.10 -9.98 57.21
CA ILE B 234 7.58 -9.02 56.22
C ILE B 234 7.95 -9.43 54.79
N LYS B 235 9.21 -9.81 54.59
CA LYS B 235 9.71 -10.18 53.26
C LYS B 235 8.94 -11.36 52.64
N GLN B 236 8.71 -12.42 53.43
CA GLN B 236 7.93 -13.58 52.96
C GLN B 236 6.52 -13.18 52.55
N LYS B 237 5.95 -12.25 53.31
CA LYS B 237 4.61 -11.74 53.05
C LYS B 237 4.54 -10.95 51.74
N LEU B 238 5.54 -10.12 51.51
CA LEU B 238 5.48 -9.18 50.38
C LEU B 238 5.90 -9.81 49.06
N MET B 239 6.80 -10.79 49.09
CA MET B 239 7.41 -11.32 47.87
C MET B 239 6.42 -11.67 46.74
N PRO B 240 5.37 -12.47 47.02
CA PRO B 240 4.42 -12.76 45.92
C PRO B 240 3.72 -11.51 45.36
N TRP B 241 3.41 -10.54 46.21
CA TRP B 241 2.86 -9.24 45.77
C TRP B 241 3.84 -8.54 44.82
N VAL B 242 5.10 -8.43 45.24
CA VAL B 242 6.13 -7.80 44.43
C VAL B 242 6.25 -8.45 43.04
N LEU B 243 6.34 -9.77 43.01
CA LEU B 243 6.59 -10.52 41.78
C LEU B 243 5.45 -10.32 40.78
N ALA B 244 4.22 -10.39 41.27
CA ALA B 244 3.03 -10.17 40.44
C ALA B 244 2.99 -8.75 39.87
N MET B 245 3.52 -7.81 40.64
CA MET B 245 3.36 -6.39 40.35
C MET B 245 4.27 -5.87 39.22
N ILE B 246 5.50 -6.39 39.15
CA ILE B 246 6.46 -5.87 38.18
C ILE B 246 6.50 -6.70 36.91
N ARG B 247 5.71 -7.78 36.89
CA ARG B 247 5.79 -8.78 35.82
C ARG B 247 5.64 -8.17 34.41
N GLY C 9 -15.79 2.77 -9.36
CA GLY C 9 -15.49 3.82 -10.35
C GLY C 9 -14.15 3.56 -11.00
N LEU C 10 -13.58 4.59 -11.62
CA LEU C 10 -12.32 4.41 -12.32
C LEU C 10 -11.15 4.04 -11.42
N GLU C 11 -10.42 2.99 -11.78
CA GLU C 11 -9.17 2.61 -11.10
C GLU C 11 -8.03 2.61 -12.12
N LEU C 12 -6.90 3.17 -11.71
CA LEU C 12 -5.68 3.08 -12.51
C LEU C 12 -4.64 2.30 -11.74
N TYR C 13 -4.18 1.22 -12.37
CA TYR C 13 -3.14 0.34 -11.83
C TYR C 13 -1.83 0.78 -12.44
N LEU C 14 -0.96 1.37 -11.63
CA LEU C 14 0.23 2.08 -12.09
C LEU C 14 1.41 1.82 -11.18
N ASP C 15 2.61 1.91 -11.76
CA ASP C 15 3.85 2.00 -11.00
C ASP C 15 4.62 3.13 -11.66
N LEU C 16 4.97 4.17 -10.91
CA LEU C 16 5.64 5.36 -11.47
C LEU C 16 7.06 5.10 -11.95
N LEU C 17 7.61 3.92 -11.62
CA LEU C 17 8.83 3.46 -12.29
C LEU C 17 8.68 3.37 -13.81
N SER C 18 7.48 3.00 -14.25
CA SER C 18 7.17 2.70 -15.63
C SER C 18 6.87 3.97 -16.45
N GLN C 19 7.48 4.04 -17.64
CA GLN C 19 7.28 5.13 -18.61
C GLN C 19 5.77 5.36 -18.92
N PRO C 20 5.05 4.31 -19.44
CA PRO C 20 3.66 4.55 -19.81
C PRO C 20 2.78 4.94 -18.62
N CYS C 21 3.12 4.39 -17.45
CA CYS C 21 2.37 4.73 -16.25
C CYS C 21 2.48 6.20 -15.88
N ARG C 22 3.69 6.76 -16.03
CA ARG C 22 3.84 8.17 -15.72
C ARG C 22 3.02 9.03 -16.67
N ALA C 23 2.96 8.63 -17.94
CA ALA C 23 2.17 9.40 -18.90
C ALA C 23 0.69 9.43 -18.52
N VAL C 24 0.17 8.28 -18.15
CA VAL C 24 -1.22 8.17 -17.76
C VAL C 24 -1.48 8.93 -16.46
N TYR C 25 -0.62 8.72 -15.46
CA TYR C 25 -0.72 9.43 -14.20
C TYR C 25 -0.78 10.95 -14.37
N ILE C 26 0.20 11.50 -15.08
CA ILE C 26 0.24 12.94 -15.35
C ILE C 26 -1.03 13.42 -16.05
N PHE C 27 -1.41 12.70 -17.11
CA PHE C 27 -2.62 13.08 -17.82
C PHE C 27 -3.86 13.14 -16.93
N ALA C 28 -4.05 12.10 -16.12
CA ALA C 28 -5.25 12.02 -15.28
C ALA C 28 -5.21 13.13 -14.23
N LYS C 29 -4.06 13.31 -13.60
CA LYS C 29 -3.96 14.36 -12.57
C LYS C 29 -4.11 15.76 -13.14
N LYS C 30 -3.48 16.03 -14.28
CA LYS C 30 -3.56 17.36 -14.85
C LYS C 30 -5.00 17.73 -15.19
N ASN C 31 -5.75 16.74 -15.67
CA ASN C 31 -7.12 16.92 -16.12
C ASN C 31 -8.15 16.75 -15.01
N ASP C 32 -7.67 16.57 -13.79
CA ASP C 32 -8.55 16.43 -12.63
C ASP C 32 -9.58 15.31 -12.86
N ILE C 33 -9.11 14.17 -13.39
CA ILE C 33 -9.97 13.03 -13.59
C ILE C 33 -9.98 12.21 -12.29
N PRO C 34 -11.17 12.02 -11.68
CA PRO C 34 -11.21 11.22 -10.45
C PRO C 34 -10.84 9.76 -10.73
N PHE C 35 -9.90 9.23 -9.97
CA PHE C 35 -9.60 7.81 -10.00
C PHE C 35 -9.04 7.31 -8.69
N GLU C 36 -9.18 6.00 -8.47
CA GLU C 36 -8.44 5.38 -7.38
C GLU C 36 -7.13 4.83 -7.89
N LEU C 37 -6.06 5.28 -7.25
CA LEU C 37 -4.72 4.85 -7.62
C LEU C 37 -4.44 3.50 -6.99
N ARG C 38 -4.11 2.52 -7.82
CA ARG C 38 -3.74 1.19 -7.36
C ARG C 38 -2.28 0.96 -7.71
N ILE C 39 -1.40 1.09 -6.73
CA ILE C 39 0.02 0.92 -6.97
C ILE C 39 0.33 -0.57 -7.19
N VAL C 40 1.04 -0.88 -8.27
CA VAL C 40 1.50 -2.24 -8.56
C VAL C 40 3.03 -2.23 -8.55
N ASP C 41 3.64 -2.79 -7.51
CA ASP C 41 5.09 -2.66 -7.33
C ASP C 41 5.88 -3.60 -8.24
N LEU C 42 6.36 -3.07 -9.36
CA LEU C 42 7.13 -3.86 -10.33
C LEU C 42 8.38 -4.51 -9.71
N ILE C 43 9.12 -3.75 -8.90
CA ILE C 43 10.36 -4.30 -8.34
C ILE C 43 10.14 -5.43 -7.31
N LYS C 44 8.90 -5.58 -6.83
CA LYS C 44 8.50 -6.73 -6.01
C LYS C 44 7.81 -7.84 -6.81
N GLY C 45 7.68 -7.61 -8.12
CA GLY C 45 7.05 -8.57 -9.03
C GLY C 45 5.54 -8.66 -8.87
N GLN C 46 4.95 -7.60 -8.33
CA GLN C 46 3.50 -7.58 -8.05
C GLN C 46 2.63 -7.70 -9.30
N HIS C 47 3.13 -7.20 -10.43
CA HIS C 47 2.47 -7.39 -11.73
C HIS C 47 2.41 -8.84 -12.19
N LEU C 48 3.29 -9.69 -11.62
CA LEU C 48 3.35 -11.10 -12.01
C LEU C 48 2.56 -11.98 -11.04
N SER C 49 1.99 -11.35 -10.00
CA SER C 49 1.17 -12.02 -8.98
C SER C 49 -0.14 -12.56 -9.54
N ASP C 50 -0.73 -13.51 -8.84
CA ASP C 50 -2.03 -14.06 -9.24
C ASP C 50 -3.13 -13.01 -9.13
N ALA C 51 -3.03 -12.17 -8.10
CA ALA C 51 -4.03 -11.13 -7.85
C ALA C 51 -4.08 -10.13 -9.01
N PHE C 52 -2.90 -9.70 -9.46
CA PHE C 52 -2.88 -8.77 -10.59
C PHE C 52 -3.27 -9.43 -11.91
N ALA C 53 -2.91 -10.69 -12.11
CA ALA C 53 -3.34 -11.43 -13.32
C ALA C 53 -4.86 -11.46 -13.51
N GLN C 54 -5.62 -11.36 -12.43
CA GLN C 54 -7.09 -11.31 -12.53
C GLN C 54 -7.55 -9.95 -13.04
N VAL C 55 -6.84 -8.88 -12.65
CA VAL C 55 -7.07 -7.52 -13.19
C VAL C 55 -6.61 -7.44 -14.66
N ASN C 56 -5.34 -7.78 -14.90
CA ASN C 56 -4.81 -7.78 -16.24
C ASN C 56 -4.06 -9.07 -16.53
N PRO C 57 -4.70 -9.99 -17.28
CA PRO C 57 -4.03 -11.26 -17.62
C PRO C 57 -2.68 -11.10 -18.34
N LEU C 58 -2.46 -9.92 -18.95
CA LEU C 58 -1.23 -9.64 -19.65
C LEU C 58 -0.08 -9.33 -18.68
N LYS C 59 -0.42 -9.09 -17.41
CA LYS C 59 0.59 -8.89 -16.35
C LYS C 59 1.53 -7.72 -16.64
N LYS C 60 0.96 -6.63 -17.12
CA LYS C 60 1.71 -5.41 -17.37
C LYS C 60 0.92 -4.22 -16.86
N VAL C 61 1.65 -3.14 -16.58
CA VAL C 61 1.02 -1.88 -16.25
C VAL C 61 1.39 -0.89 -17.34
N PRO C 62 0.58 0.15 -17.56
CA PRO C 62 -0.64 0.52 -16.83
C PRO C 62 -1.85 -0.33 -17.23
N ALA C 63 -2.78 -0.46 -16.30
CA ALA C 63 -4.10 -1.02 -16.63
C ALA C 63 -5.17 -0.14 -16.04
N LEU C 64 -6.27 -0.04 -16.76
CA LEU C 64 -7.40 0.75 -16.35
C LEU C 64 -8.57 -0.19 -16.12
N LYS C 65 -9.34 0.07 -15.06
CA LYS C 65 -10.54 -0.69 -14.82
C LYS C 65 -11.65 0.25 -14.39
N ASP C 66 -12.79 0.12 -15.03
CA ASP C 66 -13.98 0.83 -14.59
C ASP C 66 -15.16 -0.14 -14.67
N GLY C 67 -15.51 -0.72 -13.53
CA GLY C 67 -16.53 -1.76 -13.52
C GLY C 67 -16.09 -2.95 -14.34
N ASP C 68 -16.93 -3.37 -15.28
CA ASP C 68 -16.63 -4.53 -16.12
C ASP C 68 -15.67 -4.23 -17.27
N PHE C 69 -15.29 -2.96 -17.43
CA PHE C 69 -14.41 -2.56 -18.53
C PHE C 69 -12.95 -2.51 -18.07
N THR C 70 -12.08 -3.21 -18.80
CA THR C 70 -10.65 -3.22 -18.51
C THR C 70 -9.91 -2.85 -19.79
N LEU C 71 -8.88 -2.02 -19.64
CA LEU C 71 -8.17 -1.49 -20.78
C LEU C 71 -6.68 -1.44 -20.49
N THR C 72 -5.90 -1.91 -21.45
CA THR C 72 -4.44 -1.85 -21.38
C THR C 72 -3.93 -0.93 -22.50
N GLU C 73 -2.61 -0.71 -22.49
CA GLU C 73 -1.86 0.16 -23.44
C GLU C 73 -2.04 1.62 -23.13
N SER C 74 -0.93 2.31 -22.81
CA SER C 74 -0.98 3.74 -22.53
C SER C 74 -1.70 4.54 -23.60
N VAL C 75 -1.40 4.27 -24.87
CA VAL C 75 -2.03 5.06 -25.92
C VAL C 75 -3.56 4.90 -25.90
N ALA C 76 -4.01 3.66 -25.75
CA ALA C 76 -5.44 3.40 -25.67
C ALA C 76 -6.08 4.03 -24.42
N ILE C 77 -5.37 3.96 -23.29
CA ILE C 77 -5.85 4.58 -22.06
C ILE C 77 -5.96 6.08 -22.19
N LEU C 78 -4.91 6.70 -22.74
CA LEU C 78 -4.93 8.14 -22.92
C LEU C 78 -6.07 8.60 -23.81
N LEU C 79 -6.30 7.88 -24.91
CA LEU C 79 -7.37 8.27 -25.81
C LEU C 79 -8.73 8.07 -25.19
N TYR C 80 -8.87 6.98 -24.43
CA TYR C 80 -10.14 6.70 -23.74
C TYR C 80 -10.42 7.82 -22.73
N LEU C 81 -9.42 8.17 -21.93
CA LEU C 81 -9.63 9.27 -20.96
C LEU C 81 -9.96 10.60 -21.65
N THR C 82 -9.26 10.86 -22.76
CA THR C 82 -9.49 12.09 -23.52
C THR C 82 -10.96 12.21 -23.89
N ARG C 83 -11.52 11.10 -24.36
CA ARG C 83 -12.88 11.09 -24.88
C ARG C 83 -13.88 11.09 -23.73
N LYS C 84 -13.69 10.17 -22.78
CA LYS C 84 -14.68 10.00 -21.70
C LYS C 84 -14.81 11.25 -20.83
N TYR C 85 -13.69 11.92 -20.55
CA TYR C 85 -13.69 13.05 -19.60
C TYR C 85 -13.66 14.40 -20.26
N LYS C 86 -13.78 14.40 -21.57
CA LYS C 86 -14.00 15.62 -22.37
C LYS C 86 -12.94 16.67 -22.05
N VAL C 87 -11.69 16.23 -22.10
CA VAL C 87 -10.52 17.05 -21.78
C VAL C 87 -10.39 18.12 -22.87
N PRO C 88 -9.59 19.17 -22.61
CA PRO C 88 -9.32 20.21 -23.63
C PRO C 88 -8.88 19.65 -24.98
N ASP C 89 -9.34 20.27 -26.06
CA ASP C 89 -9.06 19.80 -27.41
C ASP C 89 -7.58 19.80 -27.70
N TYR C 90 -6.82 20.70 -27.05
CA TYR C 90 -5.39 20.78 -27.37
C TYR C 90 -4.66 19.46 -27.19
N TRP C 91 -5.16 18.60 -26.31
CA TRP C 91 -4.50 17.32 -26.16
C TRP C 91 -4.56 16.44 -27.39
N TYR C 92 -5.66 16.54 -28.13
CA TYR C 92 -5.86 15.73 -29.32
C TYR C 92 -6.77 16.53 -30.23
N PRO C 93 -6.19 17.49 -30.97
CA PRO C 93 -7.04 18.48 -31.64
C PRO C 93 -7.96 17.92 -32.69
N GLN C 94 -9.06 18.65 -32.94
CA GLN C 94 -10.04 18.27 -33.94
C GLN C 94 -9.53 18.26 -35.36
N ASP C 95 -8.67 19.20 -35.69
CA ASP C 95 -8.16 19.31 -37.05
C ASP C 95 -7.53 17.96 -37.43
N LEU C 96 -7.87 17.45 -38.61
CA LEU C 96 -7.49 16.09 -38.96
C LEU C 96 -5.98 15.92 -39.09
N GLN C 97 -5.30 16.92 -39.64
CA GLN C 97 -3.85 16.83 -39.82
C GLN C 97 -3.13 16.99 -38.47
N ALA C 98 -3.64 17.87 -37.61
CA ALA C 98 -3.04 18.03 -36.29
C ALA C 98 -3.24 16.75 -35.46
N ARG C 99 -4.43 16.15 -35.54
CA ARG C 99 -4.66 14.89 -34.89
C ARG C 99 -3.75 13.80 -35.45
N ALA C 100 -3.59 13.74 -36.75
CA ALA C 100 -2.70 12.80 -37.38
C ALA C 100 -1.25 12.91 -36.90
N ARG C 101 -0.76 14.12 -36.68
CA ARG C 101 0.59 14.29 -36.15
C ARG C 101 0.72 13.65 -34.76
N VAL C 102 -0.35 13.76 -33.96
CA VAL C 102 -0.33 13.09 -32.66
C VAL C 102 -0.32 11.59 -32.85
N ASP C 103 -1.21 11.07 -33.71
CA ASP C 103 -1.24 9.61 -33.98
C ASP C 103 0.10 9.08 -34.48
N GLU C 104 0.72 9.85 -35.37
CA GLU C 104 2.00 9.48 -35.97
C GLU C 104 3.11 9.35 -34.91
N TYR C 105 3.19 10.32 -33.99
CA TYR C 105 4.18 10.24 -32.94
C TYR C 105 3.86 9.01 -32.06
N LEU C 106 2.60 8.89 -31.66
CA LEU C 106 2.23 7.82 -30.75
C LEU C 106 2.51 6.45 -31.35
N ALA C 107 2.32 6.31 -32.66
CA ALA C 107 2.57 5.01 -33.30
C ALA C 107 4.07 4.81 -33.43
N TRP C 108 4.79 5.85 -33.86
CA TRP C 108 6.24 5.75 -34.11
C TRP C 108 7.01 5.35 -32.87
N GLN C 109 6.66 5.93 -31.73
CA GLN C 109 7.46 5.75 -30.52
C GLN C 109 7.54 4.31 -29.97
N HIS C 110 6.55 3.47 -30.24
CA HIS C 110 6.51 2.13 -29.63
C HIS C 110 7.79 1.33 -29.87
N THR C 111 8.31 1.38 -31.09
CA THR C 111 9.44 0.52 -31.48
C THR C 111 10.76 1.27 -31.57
N THR C 112 10.73 2.55 -31.22
CA THR C 112 11.89 3.40 -31.43
C THR C 112 12.32 4.03 -30.12
N LEU C 113 11.77 5.21 -29.80
CA LEU C 113 12.17 5.93 -28.57
C LEU C 113 11.80 5.18 -27.28
N ARG C 114 10.64 4.51 -27.25
CA ARG C 114 10.25 3.75 -26.07
C ARG C 114 11.33 2.71 -25.80
N ARG C 115 11.69 2.00 -26.86
CA ARG C 115 12.66 0.92 -26.80
C ARG C 115 14.05 1.41 -26.36
N SER C 116 14.52 2.48 -26.99
CA SER C 116 15.88 2.95 -26.69
C SER C 116 15.97 3.50 -25.28
N CYS C 117 14.92 4.19 -24.84
CA CYS C 117 14.88 4.71 -23.49
C CYS C 117 14.85 3.61 -22.44
N LEU C 118 14.08 2.55 -22.70
CA LEU C 118 13.98 1.37 -21.83
C LEU C 118 15.32 0.65 -21.74
N ARG C 119 15.91 0.36 -22.89
CA ARG C 119 17.24 -0.27 -22.92
C ARG C 119 18.33 0.55 -22.23
N ALA C 120 18.27 1.88 -22.37
CA ALA C 120 19.26 2.74 -21.68
C ALA C 120 19.17 2.56 -20.17
N LEU C 121 17.95 2.62 -19.64
CA LEU C 121 17.77 2.44 -18.20
C LEU C 121 18.29 1.06 -17.75
N TRP C 122 17.89 0.00 -18.43
CA TRP C 122 18.23 -1.36 -17.99
C TRP C 122 19.69 -1.71 -18.17
N HIS C 123 20.25 -1.35 -19.32
CA HIS C 123 21.68 -1.60 -19.57
C HIS C 123 22.65 -0.77 -18.75
N LYS C 124 22.28 0.46 -18.44
CA LYS C 124 23.18 1.33 -17.70
C LYS C 124 23.05 1.13 -16.20
N VAL C 125 21.83 0.86 -15.72
CA VAL C 125 21.55 0.86 -14.29
C VAL C 125 20.85 -0.40 -13.77
N MET C 126 19.68 -0.72 -14.32
CA MET C 126 18.85 -1.72 -13.62
C MET C 126 19.43 -3.12 -13.65
N PHE C 127 20.06 -3.49 -14.75
CA PHE C 127 20.78 -4.76 -14.78
C PHE C 127 21.91 -4.84 -13.72
N PRO C 128 22.94 -3.96 -13.81
CA PRO C 128 24.08 -4.08 -12.89
C PRO C 128 23.70 -3.81 -11.43
N VAL C 129 22.82 -2.86 -11.17
CA VAL C 129 22.50 -2.46 -9.79
C VAL C 129 21.35 -3.26 -9.16
N PHE C 130 20.22 -3.33 -9.84
CA PHE C 130 19.04 -3.98 -9.32
C PHE C 130 19.08 -5.50 -9.46
N LEU C 131 19.48 -5.99 -10.64
CA LEU C 131 19.51 -7.44 -10.86
C LEU C 131 20.86 -8.09 -10.60
N GLY C 132 21.87 -7.27 -10.30
CA GLY C 132 23.23 -7.76 -10.05
C GLY C 132 23.76 -8.53 -11.25
N GLU C 133 23.45 -8.03 -12.44
CA GLU C 133 23.89 -8.64 -13.67
C GLU C 133 24.73 -7.63 -14.45
N PRO C 134 26.04 -7.86 -14.55
CA PRO C 134 26.89 -7.02 -15.38
C PRO C 134 26.46 -7.08 -16.86
N VAL C 135 26.60 -5.93 -17.54
CA VAL C 135 26.22 -5.81 -18.94
C VAL C 135 27.49 -5.58 -19.78
N SER C 136 27.60 -6.30 -20.90
CA SER C 136 28.70 -6.11 -21.85
C SER C 136 28.90 -4.61 -22.10
N PRO C 137 30.12 -4.08 -21.89
CA PRO C 137 30.37 -2.71 -22.35
C PRO C 137 30.05 -2.48 -23.81
N GLN C 138 30.22 -3.49 -24.65
CA GLN C 138 29.86 -3.33 -26.06
C GLN C 138 28.35 -3.12 -26.17
N THR C 139 27.57 -3.93 -25.45
CA THR C 139 26.10 -3.81 -25.43
C THR C 139 25.65 -2.43 -24.92
N LEU C 140 26.28 -1.94 -23.86
CA LEU C 140 25.95 -0.64 -23.35
C LEU C 140 26.21 0.44 -24.38
N ALA C 141 27.36 0.37 -25.02
CA ALA C 141 27.73 1.41 -25.98
C ALA C 141 26.77 1.41 -27.16
N ALA C 142 26.39 0.23 -27.63
CA ALA C 142 25.43 0.10 -28.73
C ALA C 142 24.09 0.69 -28.31
N THR C 143 23.70 0.45 -27.06
CA THR C 143 22.44 0.97 -26.56
C THR C 143 22.44 2.49 -26.52
N LEU C 144 23.53 3.07 -26.03
CA LEU C 144 23.65 4.53 -25.98
C LEU C 144 23.75 5.18 -27.37
N ALA C 145 24.38 4.47 -28.31
CA ALA C 145 24.45 4.93 -29.70
C ALA C 145 23.05 5.01 -30.27
N GLU C 146 22.25 3.96 -30.01
CA GLU C 146 20.86 3.89 -30.51
C GLU C 146 20.01 4.99 -29.88
N LEU C 147 20.21 5.23 -28.58
CA LEU C 147 19.54 6.34 -27.92
C LEU C 147 19.85 7.66 -28.63
N ASP C 148 21.12 7.90 -28.93
CA ASP C 148 21.51 9.14 -29.64
C ASP C 148 20.81 9.30 -30.99
N VAL C 149 20.71 8.21 -31.75
CA VAL C 149 20.04 8.21 -33.06
C VAL C 149 18.57 8.60 -32.88
N THR C 150 17.92 7.97 -31.90
CA THR C 150 16.48 8.24 -31.67
C THR C 150 16.21 9.66 -31.17
N LEU C 151 17.12 10.20 -30.35
CA LEU C 151 17.00 11.61 -29.94
C LEU C 151 17.16 12.53 -31.13
N GLN C 152 18.06 12.19 -32.06
CA GLN C 152 18.20 13.00 -33.26
C GLN C 152 16.93 12.96 -34.11
N LEU C 153 16.29 11.81 -34.19
CA LEU C 153 15.01 11.66 -34.91
C LEU C 153 13.92 12.47 -34.24
N LEU C 154 13.90 12.44 -32.92
CA LEU C 154 12.89 13.18 -32.18
C LEU C 154 12.96 14.67 -32.57
N GLU C 155 14.18 15.20 -32.63
CA GLU C 155 14.43 16.58 -33.07
C GLU C 155 14.11 16.81 -34.55
N ASP C 156 14.63 15.92 -35.41
CA ASP C 156 14.57 16.16 -36.87
C ASP C 156 13.23 15.88 -37.52
N LYS C 157 12.55 14.83 -37.08
CA LYS C 157 11.24 14.48 -37.62
C LYS C 157 10.11 15.21 -36.92
N PHE C 158 10.18 15.32 -35.60
CA PHE C 158 9.00 15.76 -34.87
C PHE C 158 9.11 17.20 -34.43
N LEU C 159 10.01 17.50 -33.50
CA LEU C 159 10.07 18.82 -32.92
C LEU C 159 10.37 19.90 -33.96
N GLN C 160 11.43 19.65 -34.74
CA GLN C 160 11.88 20.63 -35.75
C GLN C 160 11.99 22.01 -35.08
N ASN C 161 11.40 23.04 -35.69
CA ASN C 161 11.48 24.39 -35.12
C ASN C 161 10.22 24.84 -34.37
N LYS C 162 9.39 23.87 -34.00
CA LYS C 162 8.14 24.16 -33.30
C LYS C 162 8.35 24.21 -31.79
N ALA C 163 7.32 24.68 -31.08
CA ALA C 163 7.38 24.75 -29.65
C ALA C 163 7.19 23.36 -29.02
N PHE C 164 6.33 22.55 -29.65
CA PHE C 164 6.03 21.20 -29.15
C PHE C 164 6.09 20.22 -30.32
N LEU C 165 5.93 18.94 -30.02
CA LEU C 165 6.17 17.93 -31.05
C LEU C 165 5.24 17.98 -32.24
N THR C 166 4.01 18.45 -32.04
CA THR C 166 3.03 18.44 -33.12
C THR C 166 2.48 19.82 -33.52
N GLY C 167 2.99 20.89 -32.92
CA GLY C 167 2.44 22.21 -33.16
C GLY C 167 2.83 23.17 -32.04
N PRO C 168 2.07 24.26 -31.88
CA PRO C 168 2.37 25.30 -30.89
C PRO C 168 1.91 25.05 -29.46
N HIS C 169 1.25 23.91 -29.21
CA HIS C 169 0.77 23.59 -27.87
C HIS C 169 1.10 22.16 -27.55
N ILE C 170 1.15 21.85 -26.26
CA ILE C 170 1.36 20.47 -25.83
C ILE C 170 0.20 19.60 -26.35
N SER C 171 0.50 18.31 -26.56
CA SER C 171 -0.51 17.33 -26.95
C SER C 171 -0.14 16.03 -26.27
N LEU C 172 -0.93 14.99 -26.51
CA LEU C 172 -0.62 13.66 -25.93
C LEU C 172 0.79 13.21 -26.34
N ALA C 173 1.21 13.59 -27.56
CA ALA C 173 2.53 13.18 -28.04
C ALA C 173 3.65 13.64 -27.11
N ASP C 174 3.60 14.90 -26.68
CA ASP C 174 4.65 15.43 -25.81
C ASP C 174 4.70 14.75 -24.47
N LEU C 175 3.53 14.36 -23.99
CA LEU C 175 3.47 13.70 -22.69
C LEU C 175 4.14 12.33 -22.76
N VAL C 176 3.85 11.57 -23.80
CA VAL C 176 4.43 10.25 -23.95
C VAL C 176 5.96 10.39 -24.14
N ALA C 177 6.36 11.34 -24.97
CA ALA C 177 7.77 11.53 -25.25
C ALA C 177 8.58 11.99 -24.02
N ILE C 178 8.08 12.98 -23.28
CA ILE C 178 8.84 13.45 -22.12
C ILE C 178 9.00 12.35 -21.05
N THR C 179 7.94 11.55 -20.86
CA THR C 179 8.03 10.51 -19.82
C THR C 179 9.00 9.42 -20.25
N GLU C 180 9.04 9.14 -21.55
CA GLU C 180 10.09 8.28 -22.10
C GLU C 180 11.51 8.77 -21.85
N LEU C 181 11.74 10.04 -22.15
CA LEU C 181 13.07 10.61 -22.01
C LEU C 181 13.55 10.62 -20.59
N MET C 182 12.62 10.63 -19.65
CA MET C 182 13.02 10.63 -18.23
C MET C 182 13.63 9.31 -17.75
N HIS C 183 13.40 8.21 -18.46
CA HIS C 183 14.07 6.94 -18.21
C HIS C 183 15.59 7.07 -18.30
N PRO C 184 16.15 7.44 -19.47
CA PRO C 184 17.59 7.66 -19.46
C PRO C 184 18.08 8.81 -18.56
N VAL C 185 17.26 9.83 -18.32
CA VAL C 185 17.67 10.87 -17.34
C VAL C 185 17.88 10.22 -15.98
N GLY C 186 16.96 9.34 -15.58
CA GLY C 186 17.04 8.58 -14.32
C GLY C 186 18.24 7.64 -14.27
N ALA C 187 18.66 7.17 -15.45
CA ALA C 187 19.87 6.33 -15.58
C ALA C 187 21.17 7.14 -15.55
N GLY C 188 21.07 8.46 -15.57
CA GLY C 188 22.26 9.33 -15.58
C GLY C 188 22.83 9.67 -16.95
N CYS C 189 22.09 9.35 -18.02
CA CYS C 189 22.48 9.72 -19.38
C CYS C 189 22.32 11.21 -19.57
N GLN C 190 23.10 11.75 -20.50
CA GLN C 190 23.15 13.19 -20.76
C GLN C 190 22.19 13.57 -21.89
N VAL C 191 20.91 13.34 -21.65
CA VAL C 191 19.87 13.45 -22.67
C VAL C 191 19.71 14.88 -23.20
N PHE C 192 19.51 15.82 -22.27
CA PHE C 192 19.23 17.19 -22.65
C PHE C 192 20.46 18.07 -22.79
N GLU C 193 21.59 17.64 -22.21
CA GLU C 193 22.83 18.37 -22.39
C GLU C 193 23.36 18.24 -23.82
N GLY C 194 23.71 19.38 -24.41
CA GLY C 194 24.17 19.40 -25.79
C GLY C 194 23.03 19.38 -26.78
N ARG C 195 21.79 19.32 -26.28
CA ARG C 195 20.61 19.34 -27.13
C ARG C 195 19.68 20.47 -26.69
N PRO C 196 20.08 21.73 -26.98
CA PRO C 196 19.35 22.91 -26.50
C PRO C 196 17.88 23.00 -26.96
N LYS C 197 17.58 22.58 -28.19
CA LYS C 197 16.17 22.59 -28.64
C LYS C 197 15.33 21.60 -27.82
N LEU C 198 15.91 20.46 -27.45
CA LEU C 198 15.20 19.52 -26.56
C LEU C 198 15.07 20.04 -25.11
N ALA C 199 16.12 20.69 -24.60
CA ALA C 199 16.09 21.24 -23.26
C ALA C 199 14.99 22.32 -23.12
N THR C 200 14.87 23.19 -24.12
CA THR C 200 13.86 24.23 -24.01
C THR C 200 12.46 23.66 -24.14
N TRP C 201 12.32 22.66 -25.01
CA TRP C 201 11.08 21.91 -25.14
C TRP C 201 10.71 21.27 -23.79
N ARG C 202 11.68 20.64 -23.12
CA ARG C 202 11.38 20.03 -21.82
C ARG C 202 10.83 21.05 -20.83
N GLN C 203 11.47 22.23 -20.77
CA GLN C 203 10.99 23.28 -19.87
C GLN C 203 9.56 23.70 -20.20
N ARG C 204 9.25 23.83 -21.49
CA ARG C 204 7.88 24.16 -21.92
C ARG C 204 6.88 23.08 -21.51
N VAL C 205 7.29 21.82 -21.63
CA VAL C 205 6.41 20.72 -21.29
C VAL C 205 6.14 20.66 -19.79
N GLU C 206 7.20 20.79 -18.99
CA GLU C 206 7.04 20.83 -17.54
C GLU C 206 6.12 21.95 -17.10
N ALA C 207 6.28 23.11 -17.73
CA ALA C 207 5.43 24.26 -17.43
C ALA C 207 3.96 23.99 -17.79
N ALA C 208 3.75 23.32 -18.93
CA ALA C 208 2.38 23.03 -19.39
C ALA C 208 1.69 21.99 -18.52
N VAL C 209 2.46 21.03 -18.02
CA VAL C 209 1.95 19.97 -17.16
C VAL C 209 1.79 20.45 -15.71
N GLY C 210 2.62 21.42 -15.33
CA GLY C 210 2.74 21.84 -13.94
C GLY C 210 3.99 21.23 -13.36
N GLU C 211 4.92 22.07 -12.92
CA GLU C 211 6.21 21.59 -12.37
C GLU C 211 6.09 20.64 -11.17
N ASP C 212 5.19 20.95 -10.24
CA ASP C 212 4.98 20.08 -9.08
C ASP C 212 4.51 18.70 -9.47
N LEU C 213 3.54 18.64 -10.38
CA LEU C 213 3.04 17.36 -10.88
C LEU C 213 4.12 16.59 -11.65
N PHE C 214 4.87 17.28 -12.51
CA PHE C 214 5.96 16.63 -13.22
C PHE C 214 6.97 15.98 -12.28
N GLN C 215 7.42 16.74 -11.27
CA GLN C 215 8.36 16.23 -10.28
C GLN C 215 7.79 15.04 -9.51
N GLU C 216 6.56 15.16 -9.02
CA GLU C 216 5.89 14.07 -8.32
C GLU C 216 5.88 12.75 -9.15
N ALA C 217 5.54 12.86 -10.42
CA ALA C 217 5.45 11.70 -11.28
C ALA C 217 6.80 11.03 -11.49
N HIS C 218 7.87 11.82 -11.39
CA HIS C 218 9.21 11.34 -11.66
C HIS C 218 10.07 11.01 -10.46
N GLU C 219 9.45 11.00 -9.28
CA GLU C 219 10.19 10.74 -8.03
C GLU C 219 10.86 9.38 -8.05
N VAL C 220 10.13 8.38 -8.52
CA VAL C 220 10.62 6.99 -8.47
C VAL C 220 11.74 6.77 -9.48
N ILE C 221 11.53 7.14 -10.73
CA ILE C 221 12.58 6.90 -11.73
C ILE C 221 13.91 7.59 -11.39
N LEU C 222 13.83 8.75 -10.72
CA LEU C 222 15.04 9.49 -10.40
C LEU C 222 15.86 8.82 -9.28
N LYS C 223 15.23 7.91 -8.54
CA LYS C 223 15.91 7.20 -7.45
C LYS C 223 16.17 5.72 -7.76
N ALA C 224 15.90 5.32 -9.00
CA ALA C 224 16.03 3.92 -9.41
C ALA C 224 17.45 3.40 -9.20
N LYS C 225 18.42 4.29 -9.42
CA LYS C 225 19.84 3.96 -9.25
C LYS C 225 20.19 3.59 -7.80
N ASP C 226 19.28 3.91 -6.87
CA ASP C 226 19.45 3.59 -5.44
C ASP C 226 18.61 2.40 -4.97
N PHE C 227 17.91 1.72 -5.89
CA PHE C 227 17.14 0.54 -5.49
C PHE C 227 18.10 -0.48 -4.86
N PRO C 228 17.71 -1.06 -3.71
CA PRO C 228 18.49 -2.20 -3.23
C PRO C 228 18.27 -3.35 -4.22
N PRO C 229 19.31 -4.17 -4.46
CA PRO C 229 19.18 -5.26 -5.45
C PRO C 229 18.12 -6.28 -5.07
N ALA C 230 17.49 -6.87 -6.09
CA ALA C 230 16.45 -7.86 -5.87
C ALA C 230 17.03 -9.08 -5.17
N ASP C 231 16.29 -9.65 -4.24
CA ASP C 231 16.68 -10.94 -3.65
C ASP C 231 16.59 -12.05 -4.72
N PRO C 232 17.25 -13.19 -4.50
CA PRO C 232 17.26 -14.26 -5.52
C PRO C 232 15.88 -14.73 -6.00
N THR C 233 14.88 -14.78 -5.10
CA THR C 233 13.54 -15.21 -5.49
C THR C 233 12.88 -14.24 -6.47
N ILE C 234 12.90 -12.95 -6.13
CA ILE C 234 12.27 -11.93 -6.98
C ILE C 234 13.04 -11.79 -8.29
N LYS C 235 14.37 -11.80 -8.21
CA LYS C 235 15.21 -11.81 -9.41
C LYS C 235 14.81 -12.90 -10.40
N GLN C 236 14.65 -14.12 -9.91
CA GLN C 236 14.31 -15.22 -10.81
C GLN C 236 12.94 -15.02 -11.45
N LYS C 237 11.98 -14.51 -10.68
CA LYS C 237 10.63 -14.28 -11.18
C LYS C 237 10.57 -13.14 -12.18
N LEU C 238 11.42 -12.13 -11.97
CA LEU C 238 11.43 -10.95 -12.83
C LEU C 238 12.17 -11.15 -14.16
N MET C 239 13.17 -12.02 -14.16
CA MET C 239 14.10 -12.08 -15.29
C MET C 239 13.43 -12.35 -16.66
N PRO C 240 12.55 -13.37 -16.76
CA PRO C 240 11.78 -13.59 -18.01
C PRO C 240 11.03 -12.34 -18.46
N TRP C 241 10.34 -11.67 -17.53
CA TRP C 241 9.68 -10.41 -17.82
C TRP C 241 10.67 -9.39 -18.35
N VAL C 242 11.81 -9.27 -17.67
CA VAL C 242 12.84 -8.33 -18.09
C VAL C 242 13.34 -8.64 -19.52
N LEU C 243 13.74 -9.89 -19.75
CA LEU C 243 14.33 -10.26 -21.04
C LEU C 243 13.37 -9.99 -22.20
N ALA C 244 12.11 -10.38 -22.05
CA ALA C 244 11.07 -10.19 -23.08
C ALA C 244 10.75 -8.72 -23.35
N MET C 245 10.97 -7.89 -22.33
CA MET C 245 10.62 -6.48 -22.33
C MET C 245 11.57 -5.61 -23.17
N ILE C 246 12.86 -5.91 -23.11
CA ILE C 246 13.90 -5.05 -23.69
C ILE C 246 14.49 -5.63 -24.98
N ARG C 247 14.75 -6.94 -24.95
CA ARG C 247 15.20 -7.77 -26.09
C ARG C 247 16.62 -7.48 -26.64
N GLY D 9 -3.20 15.48 -55.76
CA GLY D 9 -4.06 14.84 -54.72
C GLY D 9 -3.31 13.82 -53.89
N LEU D 10 -4.05 12.84 -53.40
CA LEU D 10 -3.53 11.81 -52.50
C LEU D 10 -2.62 10.80 -53.19
N GLU D 11 -1.43 10.61 -52.62
CA GLU D 11 -0.48 9.61 -53.05
C GLU D 11 -0.17 8.68 -51.89
N LEU D 12 -0.12 7.38 -52.18
CA LEU D 12 0.29 6.39 -51.19
C LEU D 12 1.51 5.66 -51.72
N TYR D 13 2.60 5.73 -50.95
CA TYR D 13 3.88 5.08 -51.29
C TYR D 13 3.89 3.74 -50.58
N LEU D 14 3.81 2.66 -51.35
CA LEU D 14 3.53 1.33 -50.83
C LEU D 14 4.38 0.25 -51.50
N ASP D 15 4.62 -0.83 -50.76
CA ASP D 15 5.11 -2.10 -51.32
C ASP D 15 4.29 -3.19 -50.67
N LEU D 16 3.56 -3.96 -51.49
CA LEU D 16 2.72 -5.05 -50.98
C LEU D 16 3.47 -6.18 -50.31
N LEU D 17 4.80 -6.21 -50.44
CA LEU D 17 5.61 -7.07 -49.60
C LEU D 17 5.44 -6.71 -48.11
N SER D 18 5.27 -5.42 -47.82
CA SER D 18 5.22 -4.90 -46.45
C SER D 18 3.87 -5.13 -45.76
N GLN D 19 3.90 -5.61 -44.52
CA GLN D 19 2.66 -5.75 -43.71
C GLN D 19 1.83 -4.47 -43.58
N PRO D 20 2.42 -3.35 -43.07
CA PRO D 20 1.60 -2.12 -42.93
C PRO D 20 1.12 -1.60 -44.28
N CYS D 21 1.88 -1.82 -45.33
CA CYS D 21 1.44 -1.39 -46.65
C CYS D 21 0.20 -2.13 -47.13
N ARG D 22 0.14 -3.44 -46.89
CA ARG D 22 -1.06 -4.21 -47.28
C ARG D 22 -2.30 -3.71 -46.56
N ALA D 23 -2.15 -3.34 -45.28
CA ALA D 23 -3.30 -2.84 -44.52
C ALA D 23 -3.79 -1.53 -45.14
N VAL D 24 -2.88 -0.62 -45.43
CA VAL D 24 -3.26 0.67 -46.01
C VAL D 24 -3.88 0.49 -47.42
N TYR D 25 -3.24 -0.36 -48.22
CA TYR D 25 -3.75 -0.66 -49.55
C TYR D 25 -5.17 -1.20 -49.52
N ILE D 26 -5.41 -2.24 -48.71
CA ILE D 26 -6.75 -2.85 -48.61
C ILE D 26 -7.75 -1.79 -48.14
N PHE D 27 -7.40 -1.03 -47.11
CA PHE D 27 -8.30 -0.03 -46.61
C PHE D 27 -8.70 0.99 -47.70
N ALA D 28 -7.72 1.49 -48.43
CA ALA D 28 -8.00 2.54 -49.40
C ALA D 28 -8.82 1.99 -50.56
N LYS D 29 -8.47 0.78 -51.03
CA LYS D 29 -9.22 0.17 -52.14
C LYS D 29 -10.65 -0.23 -51.76
N LYS D 30 -10.81 -0.88 -50.63
CA LYS D 30 -12.14 -1.29 -50.18
C LYS D 30 -13.08 -0.08 -50.05
N ASN D 31 -12.56 1.05 -49.56
CA ASN D 31 -13.36 2.24 -49.34
C ASN D 31 -13.45 3.15 -50.55
N ASP D 32 -12.91 2.70 -51.68
CA ASP D 32 -12.91 3.50 -52.91
C ASP D 32 -12.32 4.92 -52.71
N ILE D 33 -11.24 5.00 -51.95
CA ILE D 33 -10.59 6.27 -51.75
C ILE D 33 -9.67 6.49 -52.95
N PRO D 34 -9.87 7.59 -53.71
CA PRO D 34 -9.00 7.86 -54.86
C PRO D 34 -7.57 8.17 -54.41
N PHE D 35 -6.62 7.42 -54.94
CA PHE D 35 -5.23 7.74 -54.69
C PHE D 35 -4.33 7.35 -55.85
N GLU D 36 -3.18 8.02 -55.91
CA GLU D 36 -2.15 7.60 -56.84
C GLU D 36 -1.22 6.63 -56.12
N LEU D 37 -1.17 5.40 -56.63
CA LEU D 37 -0.32 4.36 -56.08
C LEU D 37 1.11 4.56 -56.56
N ARG D 38 2.03 4.76 -55.62
CA ARG D 38 3.45 4.89 -55.94
C ARG D 38 4.18 3.68 -55.34
N ILE D 39 4.52 2.71 -56.18
CA ILE D 39 5.23 1.52 -55.73
C ILE D 39 6.67 1.87 -55.34
N VAL D 40 7.08 1.42 -54.16
CA VAL D 40 8.45 1.57 -53.69
C VAL D 40 9.01 0.17 -53.46
N ASP D 41 9.82 -0.28 -54.41
CA ASP D 41 10.29 -1.66 -54.44
C ASP D 41 11.35 -1.91 -53.37
N LEU D 42 10.96 -2.52 -52.26
CA LEU D 42 11.89 -2.79 -51.15
C LEU D 42 13.04 -3.72 -51.56
N ILE D 43 12.69 -4.78 -52.29
CA ILE D 43 13.64 -5.82 -52.74
C ILE D 43 14.76 -5.24 -53.58
N LYS D 44 14.47 -4.09 -54.21
CA LYS D 44 15.43 -3.37 -55.04
C LYS D 44 16.12 -2.22 -54.30
N GLY D 45 15.75 -2.02 -53.05
CA GLY D 45 16.32 -0.93 -52.22
C GLY D 45 15.82 0.47 -52.55
N GLN D 46 14.64 0.57 -53.17
CA GLN D 46 14.10 1.86 -53.59
C GLN D 46 13.77 2.79 -52.43
N HIS D 47 13.44 2.22 -51.27
CA HIS D 47 13.18 3.04 -50.06
C HIS D 47 14.43 3.71 -49.52
N LEU D 48 15.60 3.29 -50.00
CA LEU D 48 16.88 3.79 -49.52
C LEU D 48 17.47 4.75 -50.53
N SER D 49 16.72 4.99 -51.60
CA SER D 49 17.14 5.90 -52.65
C SER D 49 17.09 7.34 -52.18
N ASP D 50 17.92 8.19 -52.79
CA ASP D 50 17.90 9.63 -52.49
C ASP D 50 16.53 10.22 -52.81
N ALA D 51 15.88 9.68 -53.85
CA ALA D 51 14.56 10.13 -54.27
C ALA D 51 13.48 9.89 -53.21
N PHE D 52 13.41 8.68 -52.68
CA PHE D 52 12.38 8.37 -51.70
C PHE D 52 12.68 9.05 -50.36
N ALA D 53 13.96 9.29 -50.08
CA ALA D 53 14.35 10.00 -48.86
C ALA D 53 13.76 11.41 -48.83
N GLN D 54 13.53 11.99 -50.01
CA GLN D 54 12.86 13.29 -50.12
C GLN D 54 11.37 13.23 -49.78
N VAL D 55 10.73 12.11 -50.12
CA VAL D 55 9.32 11.87 -49.78
C VAL D 55 9.17 11.56 -48.28
N ASN D 56 10.02 10.65 -47.78
CA ASN D 56 10.03 10.25 -46.38
C ASN D 56 11.46 10.05 -45.89
N PRO D 57 12.01 11.07 -45.19
CA PRO D 57 13.36 11.01 -44.64
C PRO D 57 13.63 9.80 -43.73
N LEU D 58 12.58 9.19 -43.20
CA LEU D 58 12.71 7.98 -42.40
C LEU D 58 12.97 6.72 -43.25
N LYS D 59 12.77 6.83 -44.56
CA LYS D 59 13.10 5.78 -45.53
C LYS D 59 12.34 4.48 -45.28
N LYS D 60 11.07 4.63 -44.95
CA LYS D 60 10.19 3.50 -44.70
C LYS D 60 8.85 3.65 -45.43
N VAL D 61 8.19 2.52 -45.69
CA VAL D 61 6.85 2.57 -46.22
C VAL D 61 5.96 1.94 -45.18
N PRO D 62 4.66 2.28 -45.18
CA PRO D 62 3.92 3.18 -46.06
C PRO D 62 4.17 4.66 -45.77
N ALA D 63 4.01 5.50 -46.79
CA ALA D 63 3.99 6.94 -46.60
C ALA D 63 2.83 7.50 -47.38
N LEU D 64 2.23 8.55 -46.82
CA LEU D 64 1.11 9.22 -47.42
C LEU D 64 1.54 10.64 -47.71
N LYS D 65 1.14 11.14 -48.89
CA LYS D 65 1.39 12.52 -49.27
C LYS D 65 0.09 13.08 -49.84
N ASP D 66 -0.32 14.25 -49.35
CA ASP D 66 -1.58 14.89 -49.71
C ASP D 66 -1.26 16.38 -49.79
N GLY D 67 -0.78 16.83 -50.95
CA GLY D 67 -0.24 18.18 -51.07
C GLY D 67 0.98 18.41 -50.19
N ASP D 68 0.91 19.44 -49.34
CA ASP D 68 2.01 19.78 -48.42
C ASP D 68 2.07 18.87 -47.19
N PHE D 69 1.08 17.99 -47.06
CA PHE D 69 0.95 17.11 -45.89
C PHE D 69 1.57 15.72 -46.16
N THR D 70 2.46 15.30 -45.28
CA THR D 70 3.09 13.99 -45.35
C THR D 70 2.86 13.29 -44.03
N LEU D 71 2.55 12.02 -44.12
CA LEU D 71 2.23 11.23 -42.96
C LEU D 71 2.87 9.85 -43.09
N THR D 72 3.45 9.39 -41.99
CA THR D 72 3.97 8.05 -41.87
C THR D 72 3.21 7.30 -40.76
N GLU D 73 3.53 6.01 -40.63
CA GLU D 73 2.94 5.08 -39.67
C GLU D 73 1.58 4.61 -40.11
N SER D 74 1.49 3.30 -40.39
CA SER D 74 0.22 2.69 -40.82
C SER D 74 -0.95 3.06 -39.92
N VAL D 75 -0.77 3.00 -38.59
CA VAL D 75 -1.89 3.35 -37.71
C VAL D 75 -2.39 4.79 -37.93
N ALA D 76 -1.45 5.73 -38.00
CA ALA D 76 -1.82 7.14 -38.25
C ALA D 76 -2.47 7.34 -39.64
N ILE D 77 -1.89 6.68 -40.64
CA ILE D 77 -2.47 6.74 -42.00
C ILE D 77 -3.92 6.19 -42.03
N LEU D 78 -4.12 5.02 -41.44
CA LEU D 78 -5.45 4.40 -41.41
C LEU D 78 -6.47 5.27 -40.71
N LEU D 79 -6.11 5.86 -39.57
CA LEU D 79 -7.03 6.77 -38.87
C LEU D 79 -7.28 8.04 -39.63
N TYR D 80 -6.24 8.57 -40.26
CA TYR D 80 -6.44 9.77 -41.10
C TYR D 80 -7.40 9.51 -42.27
N LEU D 81 -7.21 8.39 -42.97
CA LEU D 81 -8.10 8.07 -44.09
C LEU D 81 -9.53 7.84 -43.60
N THR D 82 -9.66 7.16 -42.46
CA THR D 82 -10.97 6.89 -41.84
C THR D 82 -11.74 8.21 -41.63
N ARG D 83 -11.04 9.21 -41.09
CA ARG D 83 -11.67 10.48 -40.74
C ARG D 83 -11.90 11.37 -41.96
N LYS D 84 -10.90 11.45 -42.83
CA LYS D 84 -11.00 12.35 -43.96
C LYS D 84 -12.05 11.88 -44.98
N TYR D 85 -12.12 10.58 -45.21
CA TYR D 85 -13.00 10.05 -46.24
C TYR D 85 -14.35 9.53 -45.71
N LYS D 86 -14.57 9.65 -44.41
CA LYS D 86 -15.89 9.42 -43.79
C LYS D 86 -16.40 8.05 -44.16
N VAL D 87 -15.52 7.07 -43.97
CA VAL D 87 -15.81 5.66 -44.29
C VAL D 87 -16.93 5.07 -43.39
N PRO D 88 -17.41 3.85 -43.70
CA PRO D 88 -18.39 3.20 -42.80
C PRO D 88 -17.90 3.16 -41.35
N ASP D 89 -18.83 3.28 -40.41
CA ASP D 89 -18.44 3.49 -39.02
C ASP D 89 -17.87 2.26 -38.33
N TYR D 90 -18.02 1.08 -38.92
CA TYR D 90 -17.49 -0.10 -38.29
C TYR D 90 -15.95 -0.10 -38.23
N TRP D 91 -15.29 0.64 -39.12
CA TRP D 91 -13.85 0.56 -39.12
C TRP D 91 -13.22 1.09 -37.84
N TYR D 92 -13.78 2.18 -37.32
CA TYR D 92 -13.31 2.78 -36.08
C TYR D 92 -14.58 3.04 -35.31
N PRO D 93 -15.03 2.02 -34.56
CA PRO D 93 -16.40 2.00 -34.03
C PRO D 93 -16.66 3.17 -33.11
N GLN D 94 -17.91 3.63 -33.11
CA GLN D 94 -18.28 4.84 -32.36
C GLN D 94 -18.41 4.66 -30.85
N ASP D 95 -18.80 3.46 -30.41
CA ASP D 95 -18.93 3.22 -28.98
C ASP D 95 -17.56 3.43 -28.36
N LEU D 96 -17.51 4.20 -27.25
CA LEU D 96 -16.28 4.55 -26.55
C LEU D 96 -15.40 3.32 -26.22
N GLN D 97 -16.03 2.26 -25.72
CA GLN D 97 -15.27 1.08 -25.29
C GLN D 97 -14.81 0.24 -26.48
N ALA D 98 -15.67 0.09 -27.50
CA ALA D 98 -15.26 -0.62 -28.71
C ALA D 98 -14.09 0.14 -29.40
N ARG D 99 -14.19 1.47 -29.48
CA ARG D 99 -13.09 2.29 -30.03
C ARG D 99 -11.81 2.06 -29.22
N ALA D 100 -11.93 2.03 -27.89
CA ALA D 100 -10.80 1.71 -27.04
C ALA D 100 -10.18 0.36 -27.34
N ARG D 101 -11.02 -0.63 -27.63
CA ARG D 101 -10.52 -1.96 -27.98
C ARG D 101 -9.72 -1.92 -29.26
N VAL D 102 -10.12 -1.07 -30.19
CA VAL D 102 -9.37 -0.93 -31.46
C VAL D 102 -8.04 -0.25 -31.16
N ASP D 103 -8.08 0.86 -30.41
CA ASP D 103 -6.81 1.53 -30.01
C ASP D 103 -5.86 0.62 -29.27
N GLU D 104 -6.41 -0.23 -28.39
CA GLU D 104 -5.62 -1.15 -27.60
C GLU D 104 -4.94 -2.16 -28.50
N TYR D 105 -5.67 -2.78 -29.42
CA TYR D 105 -5.06 -3.76 -30.32
C TYR D 105 -3.97 -3.07 -31.17
N LEU D 106 -4.33 -1.90 -31.72
CA LEU D 106 -3.41 -1.20 -32.59
C LEU D 106 -2.11 -0.81 -31.88
N ALA D 107 -2.21 -0.45 -30.61
CA ALA D 107 -1.02 -0.09 -29.84
C ALA D 107 -0.24 -1.35 -29.53
N TRP D 108 -0.94 -2.39 -29.07
CA TRP D 108 -0.32 -3.64 -28.64
C TRP D 108 0.47 -4.33 -29.72
N GLN D 109 -0.03 -4.34 -30.95
CA GLN D 109 0.60 -5.12 -32.00
C GLN D 109 1.99 -4.64 -32.43
N HIS D 110 2.31 -3.36 -32.23
CA HIS D 110 3.59 -2.84 -32.75
C HIS D 110 4.78 -3.65 -32.25
N THR D 111 4.79 -4.04 -30.98
CA THR D 111 6.01 -4.64 -30.40
C THR D 111 5.84 -6.14 -30.19
N THR D 112 4.71 -6.71 -30.65
CA THR D 112 4.38 -8.10 -30.33
C THR D 112 4.14 -8.83 -31.64
N LEU D 113 2.91 -8.84 -32.14
CA LEU D 113 2.58 -9.61 -33.34
C LEU D 113 3.27 -9.10 -34.59
N ARG D 114 3.35 -7.79 -34.74
CA ARG D 114 4.08 -7.25 -35.88
C ARG D 114 5.48 -7.82 -35.92
N ARG D 115 6.18 -7.76 -34.78
CA ARG D 115 7.57 -8.19 -34.69
C ARG D 115 7.72 -9.70 -34.90
N SER D 116 6.81 -10.49 -34.33
CA SER D 116 6.93 -11.95 -34.45
C SER D 116 6.65 -12.40 -35.87
N CYS D 117 5.67 -11.78 -36.51
CA CYS D 117 5.34 -12.11 -37.88
C CYS D 117 6.45 -11.74 -38.83
N LEU D 118 7.06 -10.57 -38.63
CA LEU D 118 8.21 -10.11 -39.39
C LEU D 118 9.40 -11.07 -39.24
N ARG D 119 9.73 -11.42 -38.00
CA ARG D 119 10.87 -12.29 -37.75
C ARG D 119 10.65 -13.67 -38.35
N ALA D 120 9.41 -14.14 -38.31
CA ALA D 120 9.09 -15.46 -38.89
C ALA D 120 9.37 -15.46 -40.39
N LEU D 121 8.94 -14.42 -41.11
CA LEU D 121 9.17 -14.40 -42.56
C LEU D 121 10.68 -14.37 -42.86
N TRP D 122 11.41 -13.52 -42.14
CA TRP D 122 12.83 -13.36 -42.41
C TRP D 122 13.65 -14.57 -41.97
N HIS D 123 13.38 -15.14 -40.80
CA HIS D 123 14.17 -16.29 -40.39
C HIS D 123 13.85 -17.56 -41.17
N LYS D 124 12.59 -17.73 -41.57
CA LYS D 124 12.19 -18.95 -42.30
C LYS D 124 12.54 -18.90 -43.79
N VAL D 125 12.41 -17.73 -44.40
CA VAL D 125 12.50 -17.60 -45.86
C VAL D 125 13.44 -16.51 -46.36
N MET D 126 13.27 -15.28 -45.90
CA MET D 126 13.95 -14.18 -46.57
C MET D 126 15.45 -14.19 -46.36
N PHE D 127 15.90 -14.61 -45.18
CA PHE D 127 17.34 -14.78 -45.00
C PHE D 127 17.93 -15.91 -45.87
N PRO D 128 17.48 -17.18 -45.69
CA PRO D 128 18.10 -18.26 -46.49
C PRO D 128 17.92 -18.13 -47.99
N VAL D 129 16.75 -17.70 -48.44
CA VAL D 129 16.47 -17.67 -49.88
C VAL D 129 16.96 -16.38 -50.51
N PHE D 130 16.35 -15.28 -50.12
CA PHE D 130 16.60 -14.00 -50.72
C PHE D 130 18.01 -13.46 -50.43
N LEU D 131 18.46 -13.52 -49.18
CA LEU D 131 19.77 -12.98 -48.81
C LEU D 131 20.91 -14.00 -48.83
N GLY D 132 20.58 -15.27 -49.06
CA GLY D 132 21.57 -16.36 -49.02
C GLY D 132 22.28 -16.49 -47.69
N GLU D 133 21.58 -16.17 -46.60
CA GLU D 133 22.12 -16.23 -45.25
C GLU D 133 21.42 -17.34 -44.47
N PRO D 134 22.12 -18.46 -44.20
CA PRO D 134 21.50 -19.58 -43.47
C PRO D 134 21.10 -19.18 -42.04
N VAL D 135 20.00 -19.75 -41.56
CA VAL D 135 19.57 -19.50 -40.20
C VAL D 135 19.63 -20.80 -39.42
N SER D 136 20.24 -20.75 -38.23
CA SER D 136 20.36 -21.92 -37.35
C SER D 136 18.97 -22.45 -36.96
N PRO D 137 18.80 -23.79 -36.84
CA PRO D 137 17.53 -24.35 -36.35
C PRO D 137 17.05 -23.79 -35.01
N GLN D 138 17.96 -23.46 -34.10
CA GLN D 138 17.61 -22.92 -32.81
C GLN D 138 17.12 -21.46 -32.87
N THR D 139 17.71 -20.68 -33.77
CA THR D 139 17.23 -19.34 -34.04
C THR D 139 15.81 -19.39 -34.59
N LEU D 140 15.60 -20.19 -35.62
CA LEU D 140 14.25 -20.34 -36.17
C LEU D 140 13.26 -20.88 -35.14
N ALA D 141 13.64 -21.90 -34.36
CA ALA D 141 12.72 -22.45 -33.35
C ALA D 141 12.28 -21.40 -32.31
N ALA D 142 13.24 -20.58 -31.86
CA ALA D 142 12.96 -19.45 -30.96
C ALA D 142 11.97 -18.47 -31.57
N THR D 143 12.17 -18.16 -32.84
CA THR D 143 11.33 -17.19 -33.54
C THR D 143 9.92 -17.75 -33.69
N LEU D 144 9.80 -19.02 -34.05
CA LEU D 144 8.50 -19.65 -34.17
C LEU D 144 7.81 -19.87 -32.82
N ALA D 145 8.60 -20.08 -31.78
CA ALA D 145 8.02 -20.17 -30.42
C ALA D 145 7.42 -18.83 -29.98
N GLU D 146 8.12 -17.74 -30.32
CA GLU D 146 7.67 -16.38 -30.07
C GLU D 146 6.39 -16.13 -30.86
N LEU D 147 6.36 -16.57 -32.11
CA LEU D 147 5.17 -16.38 -32.90
C LEU D 147 3.98 -17.06 -32.23
N ASP D 148 4.19 -18.27 -31.71
CA ASP D 148 3.13 -18.99 -31.03
C ASP D 148 2.57 -18.27 -29.82
N VAL D 149 3.46 -17.68 -29.03
CA VAL D 149 3.04 -16.93 -27.86
C VAL D 149 2.10 -15.79 -28.28
N THR D 150 2.47 -15.06 -29.33
CA THR D 150 1.64 -13.96 -29.82
C THR D 150 0.33 -14.42 -30.43
N LEU D 151 0.33 -15.57 -31.10
CA LEU D 151 -0.92 -16.10 -31.65
C LEU D 151 -1.88 -16.52 -30.54
N GLN D 152 -1.34 -17.05 -29.44
CA GLN D 152 -2.17 -17.41 -28.29
C GLN D 152 -2.81 -16.18 -27.66
N LEU D 153 -2.04 -15.09 -27.57
CA LEU D 153 -2.59 -13.81 -27.09
C LEU D 153 -3.65 -13.25 -28.03
N LEU D 154 -3.40 -13.32 -29.34
CA LEU D 154 -4.38 -12.87 -30.32
C LEU D 154 -5.72 -13.56 -30.05
N GLU D 155 -5.67 -14.87 -29.80
CA GLU D 155 -6.86 -15.66 -29.45
C GLU D 155 -7.46 -15.32 -28.08
N ASP D 156 -6.63 -15.35 -27.05
CA ASP D 156 -7.07 -15.30 -25.64
C ASP D 156 -7.40 -13.91 -25.13
N LYS D 157 -6.64 -12.91 -25.55
CA LYS D 157 -6.90 -11.53 -25.13
C LYS D 157 -7.88 -10.84 -26.09
N PHE D 158 -7.69 -11.02 -27.39
CA PHE D 158 -8.42 -10.18 -28.33
C PHE D 158 -9.67 -10.80 -28.92
N LEU D 159 -9.51 -11.88 -29.67
CA LEU D 159 -10.66 -12.46 -30.37
C LEU D 159 -11.69 -13.07 -29.41
N GLN D 160 -11.21 -13.95 -28.53
CA GLN D 160 -12.07 -14.62 -27.54
C GLN D 160 -13.18 -15.34 -28.31
N ASN D 161 -14.44 -15.16 -27.89
CA ASN D 161 -15.55 -15.83 -28.56
C ASN D 161 -16.34 -14.94 -29.52
N LYS D 162 -15.76 -13.79 -29.88
CA LYS D 162 -16.41 -12.84 -30.76
C LYS D 162 -16.19 -13.15 -32.23
N ALA D 163 -16.97 -12.51 -33.09
CA ALA D 163 -16.82 -12.66 -34.55
C ALA D 163 -15.52 -12.03 -35.03
N PHE D 164 -15.20 -10.87 -34.47
CA PHE D 164 -14.01 -10.14 -34.88
C PHE D 164 -13.25 -9.71 -33.64
N LEU D 165 -12.07 -9.10 -33.81
CA LEU D 165 -11.20 -8.84 -32.66
C LEU D 165 -11.83 -7.92 -31.64
N THR D 166 -12.64 -6.97 -32.10
CA THR D 166 -13.15 -5.93 -31.19
C THR D 166 -14.67 -5.85 -31.08
N GLY D 167 -15.38 -6.64 -31.89
CA GLY D 167 -16.84 -6.58 -31.90
C GLY D 167 -17.45 -7.49 -32.94
N PRO D 168 -18.75 -7.28 -33.26
CA PRO D 168 -19.46 -8.13 -34.21
C PRO D 168 -19.15 -7.82 -35.68
N HIS D 169 -18.42 -6.74 -35.95
CA HIS D 169 -18.05 -6.40 -37.32
C HIS D 169 -16.57 -6.09 -37.42
N ILE D 170 -16.03 -6.27 -38.62
CA ILE D 170 -14.62 -5.97 -38.90
C ILE D 170 -14.27 -4.55 -38.46
N SER D 171 -13.05 -4.36 -37.96
CA SER D 171 -12.53 -3.03 -37.64
C SER D 171 -11.12 -2.89 -38.17
N LEU D 172 -10.55 -1.71 -37.96
CA LEU D 172 -9.16 -1.55 -38.31
C LEU D 172 -8.26 -2.58 -37.64
N ALA D 173 -8.63 -3.03 -36.44
CA ALA D 173 -7.79 -3.98 -35.73
C ALA D 173 -7.66 -5.26 -36.55
N ASP D 174 -8.79 -5.76 -37.07
CA ASP D 174 -8.76 -7.03 -37.83
C ASP D 174 -7.94 -6.92 -39.08
N LEU D 175 -8.00 -5.75 -39.72
CA LEU D 175 -7.27 -5.52 -40.95
C LEU D 175 -5.78 -5.54 -40.68
N VAL D 176 -5.34 -4.91 -39.60
CA VAL D 176 -3.93 -4.90 -39.27
C VAL D 176 -3.46 -6.31 -38.90
N ALA D 177 -4.26 -7.00 -38.08
CA ALA D 177 -3.92 -8.36 -37.64
C ALA D 177 -3.84 -9.37 -38.78
N ILE D 178 -4.84 -9.39 -39.67
CA ILE D 178 -4.81 -10.36 -40.78
C ILE D 178 -3.61 -10.13 -41.70
N THR D 179 -3.29 -8.87 -41.97
CA THR D 179 -2.14 -8.59 -42.86
C THR D 179 -0.83 -8.98 -42.23
N GLU D 180 -0.71 -8.78 -40.92
CA GLU D 180 0.45 -9.31 -40.16
C GLU D 180 0.57 -10.81 -40.26
N LEU D 181 -0.53 -11.50 -40.05
CA LEU D 181 -0.52 -12.97 -40.05
C LEU D 181 -0.12 -13.55 -41.41
N MET D 182 -0.39 -12.79 -42.45
CA MET D 182 -0.06 -13.29 -43.79
C MET D 182 1.43 -13.35 -44.07
N HIS D 183 2.24 -12.69 -43.22
CA HIS D 183 3.68 -12.77 -43.32
C HIS D 183 4.11 -14.21 -43.05
N PRO D 184 3.83 -14.77 -41.85
CA PRO D 184 4.19 -16.19 -41.68
C PRO D 184 3.43 -17.15 -42.62
N VAL D 185 2.21 -16.82 -43.02
CA VAL D 185 1.53 -17.68 -44.00
C VAL D 185 2.36 -17.72 -45.30
N GLY D 186 2.77 -16.58 -45.81
CA GLY D 186 3.68 -16.53 -46.98
C GLY D 186 4.99 -17.27 -46.79
N ALA D 187 5.44 -17.36 -45.54
CA ALA D 187 6.68 -18.04 -45.18
C ALA D 187 6.54 -19.57 -45.10
N GLY D 188 5.32 -20.07 -45.24
CA GLY D 188 5.10 -21.51 -45.15
C GLY D 188 4.88 -21.99 -43.73
N CYS D 189 4.70 -21.04 -42.81
CA CYS D 189 4.43 -21.38 -41.43
C CYS D 189 2.99 -21.86 -41.29
N GLN D 190 2.81 -22.81 -40.39
CA GLN D 190 1.50 -23.23 -39.99
C GLN D 190 1.08 -22.19 -38.95
N VAL D 191 0.17 -21.33 -39.37
CA VAL D 191 -0.31 -20.27 -38.52
C VAL D 191 -1.67 -20.69 -37.99
N PHE D 192 -2.53 -21.09 -38.91
CA PHE D 192 -3.92 -21.36 -38.54
C PHE D 192 -4.18 -22.80 -38.15
N GLU D 193 -3.23 -23.70 -38.44
CA GLU D 193 -3.36 -25.11 -38.08
C GLU D 193 -3.40 -25.32 -36.56
N GLY D 194 -4.42 -26.03 -36.10
CA GLY D 194 -4.60 -26.29 -34.69
C GLY D 194 -5.22 -25.11 -33.96
N ARG D 195 -5.61 -24.08 -34.72
CA ARG D 195 -6.21 -22.87 -34.15
C ARG D 195 -7.57 -22.55 -34.78
N PRO D 196 -8.60 -23.38 -34.48
CA PRO D 196 -9.86 -23.29 -35.22
C PRO D 196 -10.58 -21.94 -35.14
N LYS D 197 -10.54 -21.28 -33.98
CA LYS D 197 -11.21 -20.00 -33.80
C LYS D 197 -10.56 -18.94 -34.68
N LEU D 198 -9.23 -19.00 -34.80
CA LEU D 198 -8.51 -18.07 -35.68
C LEU D 198 -8.78 -18.39 -37.15
N ALA D 199 -8.93 -19.68 -37.45
CA ALA D 199 -9.20 -20.10 -38.83
C ALA D 199 -10.53 -19.58 -39.35
N THR D 200 -11.59 -19.70 -38.54
CA THR D 200 -12.89 -19.17 -38.93
C THR D 200 -12.93 -17.64 -39.00
N TRP D 201 -12.21 -17.01 -38.07
CA TRP D 201 -12.03 -15.56 -38.09
C TRP D 201 -11.37 -15.12 -39.40
N ARG D 202 -10.31 -15.82 -39.81
CA ARG D 202 -9.66 -15.53 -41.09
C ARG D 202 -10.65 -15.54 -42.24
N GLN D 203 -11.54 -16.54 -42.26
CA GLN D 203 -12.51 -16.60 -43.35
C GLN D 203 -13.53 -15.44 -43.32
N ARG D 204 -13.97 -15.06 -42.12
CA ARG D 204 -14.87 -13.91 -41.98
C ARG D 204 -14.20 -12.62 -42.42
N VAL D 205 -12.93 -12.48 -42.08
CA VAL D 205 -12.18 -11.29 -42.46
C VAL D 205 -11.95 -11.19 -43.97
N GLU D 206 -11.54 -12.30 -44.60
CA GLU D 206 -11.37 -12.31 -46.08
C GLU D 206 -12.67 -11.95 -46.79
N ALA D 207 -13.77 -12.49 -46.28
CA ALA D 207 -15.08 -12.22 -46.85
C ALA D 207 -15.48 -10.77 -46.66
N ALA D 208 -15.18 -10.22 -45.49
CA ALA D 208 -15.52 -8.83 -45.23
C ALA D 208 -14.69 -7.85 -46.06
N VAL D 209 -13.42 -8.17 -46.30
CA VAL D 209 -12.54 -7.36 -47.12
C VAL D 209 -12.92 -7.47 -48.61
N GLY D 210 -13.33 -8.66 -48.98
CA GLY D 210 -13.61 -9.03 -50.37
C GLY D 210 -12.50 -9.95 -50.84
N GLU D 211 -12.89 -11.14 -51.28
CA GLU D 211 -11.93 -12.18 -51.61
C GLU D 211 -10.92 -11.75 -52.68
N ASP D 212 -11.41 -11.05 -53.70
CA ASP D 212 -10.54 -10.65 -54.79
C ASP D 212 -9.49 -9.62 -54.34
N LEU D 213 -9.95 -8.59 -53.62
CA LEU D 213 -9.04 -7.60 -53.06
C LEU D 213 -8.04 -8.25 -52.09
N PHE D 214 -8.54 -9.16 -51.27
CA PHE D 214 -7.67 -9.83 -50.31
C PHE D 214 -6.52 -10.57 -51.03
N GLN D 215 -6.86 -11.31 -52.07
CA GLN D 215 -5.87 -12.07 -52.85
C GLN D 215 -4.93 -11.11 -53.56
N GLU D 216 -5.47 -10.05 -54.13
CA GLU D 216 -4.69 -9.07 -54.86
C GLU D 216 -3.61 -8.45 -53.94
N ALA D 217 -4.02 -8.08 -52.74
CA ALA D 217 -3.12 -7.45 -51.78
C ALA D 217 -1.98 -8.37 -51.35
N HIS D 218 -2.27 -9.67 -51.34
CA HIS D 218 -1.34 -10.67 -50.86
C HIS D 218 -0.53 -11.44 -51.92
N GLU D 219 -0.63 -11.00 -53.17
CA GLU D 219 0.07 -11.67 -54.26
C GLU D 219 1.59 -11.71 -54.05
N VAL D 220 2.16 -10.61 -53.55
CA VAL D 220 3.61 -10.52 -53.42
C VAL D 220 4.08 -11.37 -52.25
N ILE D 221 3.47 -11.22 -51.08
CA ILE D 221 3.89 -12.00 -49.94
C ILE D 221 3.75 -13.52 -50.16
N LEU D 222 2.73 -13.93 -50.90
CA LEU D 222 2.55 -15.38 -51.13
C LEU D 222 3.58 -15.97 -52.10
N LYS D 223 4.29 -15.12 -52.82
CA LYS D 223 5.35 -15.59 -53.71
C LYS D 223 6.77 -15.25 -53.24
N ALA D 224 6.89 -14.75 -52.00
CA ALA D 224 8.20 -14.43 -51.39
C ALA D 224 9.20 -15.60 -51.42
N LYS D 225 8.73 -16.81 -51.14
CA LYS D 225 9.56 -18.02 -51.15
C LYS D 225 10.25 -18.26 -52.50
N ASP D 226 9.71 -17.61 -53.53
CA ASP D 226 10.21 -17.77 -54.91
C ASP D 226 11.07 -16.59 -55.36
N PHE D 227 11.27 -15.59 -54.50
CA PHE D 227 12.12 -14.45 -54.89
C PHE D 227 13.50 -14.98 -55.29
N PRO D 228 14.02 -14.51 -56.44
CA PRO D 228 15.42 -14.67 -56.81
C PRO D 228 16.30 -14.03 -55.74
N PRO D 229 17.46 -14.64 -55.43
CA PRO D 229 18.35 -14.04 -54.44
C PRO D 229 18.83 -12.66 -54.85
N ALA D 230 18.92 -11.75 -53.89
CA ALA D 230 19.43 -10.42 -54.16
C ALA D 230 20.82 -10.52 -54.78
N ASP D 231 21.10 -9.65 -55.75
CA ASP D 231 22.48 -9.54 -56.24
C ASP D 231 23.38 -9.00 -55.12
N PRO D 232 24.70 -9.25 -55.21
CA PRO D 232 25.61 -8.86 -54.11
C PRO D 232 25.55 -7.37 -53.69
N THR D 233 25.43 -6.46 -54.65
CA THR D 233 25.36 -5.02 -54.36
C THR D 233 24.07 -4.66 -53.63
N ILE D 234 22.96 -5.25 -54.06
CA ILE D 234 21.67 -5.01 -53.42
C ILE D 234 21.67 -5.59 -52.00
N LYS D 235 22.19 -6.81 -51.86
CA LYS D 235 22.29 -7.43 -50.55
C LYS D 235 23.05 -6.54 -49.55
N GLN D 236 24.20 -6.02 -49.93
CA GLN D 236 24.96 -5.20 -48.99
C GLN D 236 24.22 -3.89 -48.64
N LYS D 237 23.50 -3.34 -49.62
CA LYS D 237 22.66 -2.14 -49.44
C LYS D 237 21.50 -2.38 -48.44
N LEU D 238 20.90 -3.57 -48.52
CA LEU D 238 19.73 -3.91 -47.71
C LEU D 238 20.06 -4.38 -46.30
N MET D 239 21.26 -4.90 -46.10
CA MET D 239 21.59 -5.58 -44.84
C MET D 239 21.36 -4.75 -43.57
N PRO D 240 21.87 -3.49 -43.51
CA PRO D 240 21.64 -2.69 -42.31
C PRO D 240 20.14 -2.50 -42.05
N TRP D 241 19.38 -2.24 -43.12
CA TRP D 241 17.92 -2.08 -43.03
C TRP D 241 17.26 -3.34 -42.47
N VAL D 242 17.65 -4.50 -43.01
CA VAL D 242 17.13 -5.77 -42.52
C VAL D 242 17.44 -5.93 -41.04
N LEU D 243 18.71 -5.75 -40.66
CA LEU D 243 19.13 -5.98 -39.28
C LEU D 243 18.42 -5.05 -38.29
N ALA D 244 18.22 -3.80 -38.72
CA ALA D 244 17.53 -2.80 -37.92
C ALA D 244 16.06 -3.10 -37.72
N MET D 245 15.42 -3.69 -38.73
CA MET D 245 13.96 -3.86 -38.65
C MET D 245 13.49 -5.09 -37.85
N ILE D 246 14.32 -6.12 -37.77
CA ILE D 246 13.92 -7.38 -37.09
C ILE D 246 14.48 -7.52 -35.67
N ARG D 247 15.76 -7.15 -35.52
CA ARG D 247 16.49 -7.07 -34.23
C ARG D 247 16.76 -8.37 -33.43
I IOD E . -3.01 -10.61 18.35
I IOD F . -1.86 1.54 5.84
I IOD G . -7.39 -23.96 29.50
I IOD H . -18.68 -16.68 17.22
I IOD I . 5.50 0.42 44.79
I IOD J . -7.35 -1.13 56.50
I IOD K . 1.30 -4.98 31.77
I IOD L . 19.00 5.78 34.33
I IOD M . 10.73 -0.33 -16.27
I IOD N . -3.11 -6.06 -7.64
I IOD O . 12.01 16.11 -12.18
I IOD P . 9.23 -7.08 -45.05
I IOD Q . 10.29 7.23 -54.88
I IOD R . 10.01 -3.60 -30.84
I IOD S . -19.70 -10.57 -31.52
#